data_6MJ5
#
_entry.id   6MJ5
#
_cell.length_a   50.156
_cell.length_b   105.686
_cell.length_c   193.984
_cell.angle_alpha   90.00
_cell.angle_beta   90.00
_cell.angle_gamma   90.00
#
_symmetry.space_group_name_H-M   'P 21 21 21'
#
loop_
_entity.id
_entity.type
_entity.pdbx_description
1 polymer 'Tyrosyl-DNA phosphodiesterase 1'
2 non-polymer 1,2-ETHANEDIOL
3 non-polymer '4-hydroxy-8-nitroquinoline-3-carboxylic acid'
4 water water
#
_entity_poly.entity_id   1
_entity_poly.type   'polypeptide(L)'
_entity_poly.pdbx_seq_one_letter_code
;GEGQDIWDMLDKGNPFQFYLTRVSGVKPKYNSGALHIKDILSPLFGTLVSSAQFNYCFDVDWLVKQYPPEFRKKPILLVH
GDKREAKAHLHAQAKPYENISLCQAKLDIAFGTHHTKMMLLLYEEGLRVVIHTSNLIHADWHQKTQGIWLSPLYPRIADG
THKSGESPTHFKADLISYLMAYNAPSLKEWIDVIHKHDLSETNVYLIGSTPGRFQGSQKDNWGHFRLKKLLKDHASSMPN
AESWPVVGQFSSVGSLGADESKWLCSEFKESMLTLGKESKTPGKSSVPLYLIYPSVENVRTSLEGYPAGGSLPYSIQTAE
KQNWLHSYFHKWSAETSGRSNAMPHIKTYMRPSPDFSKIAWFLVTSANLSKAAWGALEKNGTQLMIRSYELGVLFLPSAF
GLDSFKVKQKFFAGSQEPMATFPVPYDLPPELYGSKDRPWIWNIPYVKAPDTHGNMWVPS
;
_entity_poly.pdbx_strand_id   A,B
#
# COMPACT_ATOMS: atom_id res chain seq x y z
N ASN A 14 20.92 12.78 -1.34
CA ASN A 14 19.49 12.96 -1.09
C ASN A 14 18.66 11.82 -1.68
N PRO A 15 17.67 11.34 -0.93
CA PRO A 15 16.71 10.38 -1.46
C PRO A 15 15.46 11.00 -2.06
N PHE A 16 15.32 12.34 -2.06
CA PHE A 16 14.05 12.93 -2.43
C PHE A 16 13.93 13.22 -3.92
N GLN A 17 15.03 13.54 -4.60
CA GLN A 17 15.03 13.75 -6.05
C GLN A 17 14.05 14.86 -6.43
N PHE A 18 14.02 15.90 -5.60
CA PHE A 18 13.25 17.10 -5.85
C PHE A 18 14.23 18.19 -6.29
N TYR A 19 14.00 18.76 -7.48
CA TYR A 19 14.91 19.74 -8.05
C TYR A 19 14.16 21.02 -8.37
N LEU A 20 14.89 22.12 -8.44
CA LEU A 20 14.41 23.36 -9.03
C LEU A 20 14.96 23.45 -10.45
N THR A 21 14.27 24.20 -11.31
CA THR A 21 14.81 24.50 -12.63
C THR A 21 15.91 25.55 -12.52
N ARG A 22 16.81 25.54 -13.51
CA ARG A 22 17.89 26.50 -13.57
C ARG A 22 17.33 27.90 -13.82
N VAL A 23 17.91 28.91 -13.16
CA VAL A 23 17.47 30.28 -13.30
C VAL A 23 18.61 31.10 -13.91
N SER A 24 18.34 31.76 -15.04
N SER A 24 18.34 31.75 -15.04
CA SER A 24 19.35 32.57 -15.70
CA SER A 24 19.34 32.59 -15.69
C SER A 24 19.51 33.89 -14.94
C SER A 24 19.50 33.89 -14.91
N GLY A 25 20.72 34.14 -14.45
CA GLY A 25 21.03 35.38 -13.76
C GLY A 25 21.41 35.25 -12.31
N VAL A 26 21.19 34.11 -11.68
CA VAL A 26 21.70 33.94 -10.33
C VAL A 26 23.10 33.35 -10.39
N LYS A 27 23.81 33.46 -9.27
CA LYS A 27 25.19 32.98 -9.20
C LYS A 27 25.24 31.46 -9.37
N PRO A 28 26.35 30.93 -9.89
CA PRO A 28 26.43 29.49 -10.14
C PRO A 28 26.14 28.60 -8.94
N LYS A 29 26.41 29.06 -7.72
CA LYS A 29 26.09 28.25 -6.55
C LYS A 29 24.61 27.92 -6.47
N TYR A 30 23.73 28.80 -6.95
CA TYR A 30 22.30 28.58 -6.85
C TYR A 30 21.74 27.81 -8.05
N ASN A 31 22.57 27.45 -9.02
CA ASN A 31 22.16 26.55 -10.08
C ASN A 31 22.88 25.21 -10.03
N SER A 32 23.76 24.99 -9.06
CA SER A 32 24.59 23.80 -9.06
C SER A 32 23.74 22.54 -9.11
N GLY A 33 22.80 22.38 -8.18
CA GLY A 33 21.94 21.22 -8.26
C GLY A 33 20.60 21.46 -8.91
N ALA A 34 20.52 22.41 -9.85
CA ALA A 34 19.30 22.69 -10.57
C ALA A 34 19.33 21.98 -11.92
N LEU A 35 18.16 21.87 -12.56
CA LEU A 35 18.03 21.13 -13.81
C LEU A 35 17.38 22.00 -14.86
N HIS A 36 17.96 22.03 -16.05
CA HIS A 36 17.30 22.57 -17.21
C HIS A 36 16.71 21.41 -18.00
N ILE A 37 15.72 21.71 -18.85
CA ILE A 37 15.07 20.66 -19.61
C ILE A 37 16.07 19.92 -20.50
N LYS A 38 17.08 20.63 -21.02
CA LYS A 38 18.14 19.97 -21.79
C LYS A 38 18.87 18.92 -20.96
N ASP A 39 19.07 19.18 -19.66
CA ASP A 39 19.66 18.16 -18.79
C ASP A 39 18.74 16.95 -18.64
N ILE A 40 17.45 17.18 -18.44
CA ILE A 40 16.51 16.07 -18.27
C ILE A 40 16.50 15.17 -19.50
N LEU A 41 16.60 15.76 -20.69
CA LEU A 41 16.51 14.98 -21.92
C LEU A 41 17.86 14.53 -22.45
N SER A 42 18.95 14.83 -21.74
N SER A 42 18.96 14.84 -21.76
CA SER A 42 20.29 14.49 -22.22
CA SER A 42 20.28 14.49 -22.23
C SER A 42 20.46 12.97 -22.27
C SER A 42 20.47 12.97 -22.26
N PRO A 43 21.37 12.48 -23.12
N PRO A 43 21.36 12.48 -23.12
CA PRO A 43 21.62 11.03 -23.17
CA PRO A 43 21.60 11.02 -23.16
C PRO A 43 22.19 10.47 -21.87
C PRO A 43 22.19 10.47 -21.87
N LEU A 44 22.73 11.34 -20.99
CA LEU A 44 23.21 10.86 -19.70
C LEU A 44 22.09 10.27 -18.86
N PHE A 45 20.84 10.68 -19.08
CA PHE A 45 19.72 10.13 -18.32
C PHE A 45 19.11 8.89 -18.96
N GLY A 46 19.50 8.56 -20.17
CA GLY A 46 19.01 7.36 -20.82
C GLY A 46 19.02 7.53 -22.32
N THR A 47 18.99 6.40 -23.02
CA THR A 47 18.96 6.41 -24.49
C THR A 47 17.50 6.40 -24.93
N LEU A 48 17.03 7.55 -25.40
CA LEU A 48 15.60 7.73 -25.64
C LEU A 48 15.09 6.90 -26.81
N VAL A 49 13.95 6.25 -26.59
CA VAL A 49 13.22 5.55 -27.63
C VAL A 49 11.95 6.29 -28.01
N SER A 50 11.22 6.79 -27.02
N SER A 50 11.24 6.82 -27.01
CA SER A 50 10.03 7.59 -27.26
CA SER A 50 9.92 7.44 -27.17
C SER A 50 9.71 8.34 -25.98
C SER A 50 9.64 8.29 -25.93
N SER A 51 8.85 9.34 -26.10
CA SER A 51 8.49 10.17 -24.95
C SER A 51 7.06 10.67 -25.10
N ALA A 52 6.45 10.95 -23.95
CA ALA A 52 5.14 11.59 -23.89
C ALA A 52 5.28 12.84 -23.04
N GLN A 53 4.81 13.97 -23.57
CA GLN A 53 4.88 15.26 -22.87
C GLN A 53 3.46 15.69 -22.54
N PHE A 54 3.09 15.62 -21.26
CA PHE A 54 1.80 16.11 -20.80
C PHE A 54 1.99 17.56 -20.39
N ASN A 55 1.16 18.47 -20.90
CA ASN A 55 1.36 19.84 -20.49
C ASN A 55 0.13 20.69 -20.82
N TYR A 56 0.23 21.97 -20.48
CA TYR A 56 -0.80 22.95 -20.78
C TYR A 56 -0.46 23.76 -22.03
N CYS A 57 0.69 24.42 -22.01
CA CYS A 57 1.12 25.28 -23.10
C CYS A 57 2.37 24.69 -23.75
N PHE A 58 2.40 24.69 -25.09
CA PHE A 58 3.52 24.10 -25.84
C PHE A 58 4.03 25.10 -26.87
N ASP A 59 5.36 25.19 -27.00
CA ASP A 59 6.02 25.80 -28.16
C ASP A 59 6.78 24.67 -28.82
N VAL A 60 6.24 24.12 -29.92
CA VAL A 60 6.76 22.84 -30.40
C VAL A 60 8.15 23.00 -30.98
N ASP A 61 8.39 24.08 -31.73
N ASP A 61 8.39 24.09 -31.73
CA ASP A 61 9.72 24.36 -32.26
CA ASP A 61 9.72 24.36 -32.26
C ASP A 61 10.75 24.41 -31.15
C ASP A 61 10.75 24.41 -31.15
N TRP A 62 10.47 25.16 -30.08
CA TRP A 62 11.38 25.22 -28.96
C TRP A 62 11.54 23.84 -28.33
N LEU A 63 10.42 23.15 -28.09
CA LEU A 63 10.47 21.85 -27.42
C LEU A 63 11.40 20.88 -28.15
N VAL A 64 11.26 20.78 -29.48
CA VAL A 64 12.06 19.80 -30.21
C VAL A 64 13.54 20.11 -30.08
N LYS A 65 13.91 21.41 -30.10
CA LYS A 65 15.32 21.80 -29.92
C LYS A 65 15.88 21.47 -28.54
N GLN A 66 15.04 21.19 -27.53
CA GLN A 66 15.55 20.78 -26.23
C GLN A 66 15.98 19.30 -26.19
N TYR A 67 15.47 18.49 -27.12
CA TYR A 67 15.96 17.12 -27.22
C TYR A 67 17.35 17.13 -27.86
N PRO A 68 18.23 16.20 -27.47
CA PRO A 68 19.54 16.14 -28.12
C PRO A 68 19.37 15.84 -29.59
N PRO A 69 20.29 16.32 -30.43
CA PRO A 69 20.14 16.14 -31.89
C PRO A 69 19.86 14.71 -32.30
N GLU A 70 20.55 13.74 -31.69
CA GLU A 70 20.38 12.34 -32.06
C GLU A 70 19.00 11.80 -31.69
N PHE A 71 18.29 12.45 -30.76
CA PHE A 71 17.00 11.97 -30.32
C PHE A 71 15.83 12.72 -30.92
N ARG A 72 16.09 13.73 -31.76
CA ARG A 72 15.03 14.64 -32.19
C ARG A 72 13.99 14.01 -33.12
N LYS A 73 14.24 12.83 -33.67
CA LYS A 73 13.28 12.19 -34.55
C LYS A 73 12.57 11.01 -33.90
N LYS A 74 12.84 10.76 -32.62
CA LYS A 74 12.11 9.71 -31.91
C LYS A 74 10.66 10.16 -31.72
N PRO A 75 9.73 9.21 -31.62
CA PRO A 75 8.32 9.56 -31.42
C PRO A 75 8.13 10.39 -30.16
N ILE A 76 7.29 11.44 -30.29
CA ILE A 76 6.86 12.29 -29.19
C ILE A 76 5.33 12.33 -29.23
N LEU A 77 4.69 12.11 -28.08
CA LEU A 77 3.26 12.30 -27.94
C LEU A 77 3.04 13.56 -27.09
N LEU A 78 2.27 14.51 -27.61
CA LEU A 78 1.90 15.68 -26.82
C LEU A 78 0.49 15.50 -26.28
N VAL A 79 0.33 15.55 -24.95
CA VAL A 79 -0.99 15.38 -24.32
C VAL A 79 -1.45 16.76 -23.85
N HIS A 80 -2.55 17.25 -24.41
CA HIS A 80 -2.99 18.63 -24.21
C HIS A 80 -4.50 18.66 -23.99
N GLY A 81 -5.00 19.84 -23.60
CA GLY A 81 -6.43 20.04 -23.42
C GLY A 81 -7.10 20.99 -24.39
N ASP A 82 -6.42 21.44 -25.44
CA ASP A 82 -6.93 22.52 -26.28
C ASP A 82 -8.09 22.05 -27.16
N LYS A 83 -9.01 22.98 -27.44
CA LYS A 83 -10.16 22.73 -28.30
C LYS A 83 -10.22 23.79 -29.39
N ARG A 84 -11.01 23.51 -30.43
CA ARG A 84 -11.42 24.51 -31.43
C ARG A 84 -10.18 25.17 -32.04
N GLU A 85 -10.09 26.51 -32.05
CA GLU A 85 -8.99 27.18 -32.74
C GLU A 85 -7.65 26.94 -32.06
N ALA A 86 -7.63 26.92 -30.73
CA ALA A 86 -6.42 26.58 -30.00
C ALA A 86 -5.89 25.20 -30.40
N LYS A 87 -6.79 24.23 -30.52
CA LYS A 87 -6.40 22.90 -30.98
C LYS A 87 -5.82 22.96 -32.40
N ALA A 88 -6.46 23.72 -33.29
CA ALA A 88 -5.94 23.87 -34.64
C ALA A 88 -4.55 24.48 -34.64
N HIS A 89 -4.32 25.50 -33.79
CA HIS A 89 -3.01 26.13 -33.71
C HIS A 89 -1.94 25.11 -33.30
N LEU A 90 -2.25 24.26 -32.32
CA LEU A 90 -1.27 23.28 -31.86
C LEU A 90 -0.95 22.26 -32.94
N HIS A 91 -1.99 21.75 -33.63
CA HIS A 91 -1.76 20.85 -34.75
C HIS A 91 -0.89 21.51 -35.82
N ALA A 92 -1.12 22.79 -36.10
CA ALA A 92 -0.28 23.47 -37.08
C ALA A 92 1.17 23.58 -36.61
N GLN A 93 1.38 23.82 -35.31
CA GLN A 93 2.75 23.86 -34.77
C GLN A 93 3.46 22.52 -34.99
N ALA A 94 2.74 21.41 -34.82
CA ALA A 94 3.34 20.09 -34.85
C ALA A 94 3.48 19.53 -36.25
N LYS A 95 2.61 19.94 -37.17
CA LYS A 95 2.59 19.50 -38.57
C LYS A 95 3.97 19.32 -39.21
N PRO A 96 4.92 20.26 -39.03
CA PRO A 96 6.25 20.07 -39.64
C PRO A 96 7.06 18.90 -39.11
N TYR A 97 6.69 18.29 -37.98
CA TYR A 97 7.48 17.23 -37.34
C TYR A 97 6.72 15.93 -37.42
N GLU A 98 7.12 15.07 -38.37
CA GLU A 98 6.37 13.85 -38.66
C GLU A 98 6.33 12.90 -37.46
N ASN A 99 7.32 12.97 -36.56
CA ASN A 99 7.38 12.06 -35.42
C ASN A 99 6.53 12.51 -34.22
N ILE A 100 5.79 13.60 -34.34
CA ILE A 100 5.00 14.12 -33.22
C ILE A 100 3.55 13.75 -33.40
N SER A 101 2.98 13.11 -32.38
CA SER A 101 1.55 12.82 -32.30
C SER A 101 0.93 13.63 -31.17
N LEU A 102 -0.39 13.80 -31.24
CA LEU A 102 -1.12 14.59 -30.28
C LEU A 102 -2.28 13.78 -29.70
N CYS A 103 -2.56 14.02 -28.42
CA CYS A 103 -3.66 13.38 -27.72
C CYS A 103 -4.44 14.47 -27.02
N GLN A 104 -5.70 14.65 -27.39
CA GLN A 104 -6.51 15.69 -26.78
C GLN A 104 -7.22 15.09 -25.58
N ALA A 105 -6.90 15.59 -24.40
CA ALA A 105 -7.54 15.10 -23.19
C ALA A 105 -8.98 15.58 -23.16
N LYS A 106 -9.92 14.69 -22.91
CA LYS A 106 -11.32 15.10 -22.88
C LYS A 106 -11.61 15.98 -21.66
N LEU A 107 -12.35 17.06 -21.88
CA LEU A 107 -12.69 18.03 -20.82
C LEU A 107 -14.21 18.24 -20.90
N ASP A 108 -14.96 17.30 -20.34
CA ASP A 108 -16.41 17.28 -20.47
C ASP A 108 -17.13 18.16 -19.45
N ILE A 109 -16.41 18.84 -18.56
CA ILE A 109 -17.01 19.72 -17.57
C ILE A 109 -16.58 21.15 -17.89
N ALA A 110 -17.53 22.08 -17.87
CA ALA A 110 -17.25 23.46 -18.26
C ALA A 110 -16.10 24.05 -17.44
N PHE A 111 -15.28 24.85 -18.10
CA PHE A 111 -14.18 25.58 -17.49
C PHE A 111 -13.08 24.65 -16.97
N GLY A 112 -12.97 23.47 -17.54
CA GLY A 112 -11.89 22.59 -17.20
C GLY A 112 -10.66 22.84 -18.05
N THR A 113 -9.51 22.44 -17.52
CA THR A 113 -8.22 22.64 -18.18
C THR A 113 -7.36 21.42 -17.96
N HIS A 114 -6.39 21.20 -18.86
CA HIS A 114 -5.39 20.15 -18.66
C HIS A 114 -4.10 20.79 -18.14
N HIS A 115 -3.92 20.78 -16.81
CA HIS A 115 -2.78 21.45 -16.19
C HIS A 115 -1.64 20.50 -15.83
N THR A 116 -1.86 19.18 -15.91
CA THR A 116 -0.83 18.20 -15.55
C THR A 116 0.44 18.41 -16.37
N LYS A 117 1.58 18.40 -15.69
CA LYS A 117 2.88 18.55 -16.33
C LYS A 117 3.74 17.33 -15.98
N MET A 118 3.98 16.50 -16.99
CA MET A 118 4.61 15.21 -16.76
C MET A 118 5.34 14.79 -18.03
N MET A 119 6.49 14.15 -17.88
CA MET A 119 7.15 13.48 -18.99
C MET A 119 7.21 12.00 -18.72
N LEU A 120 6.88 11.20 -19.71
CA LEU A 120 7.16 9.76 -19.67
C LEU A 120 8.30 9.53 -20.65
N LEU A 121 9.41 8.99 -20.18
CA LEU A 121 10.60 8.86 -20.99
C LEU A 121 10.93 7.37 -21.09
N LEU A 122 10.74 6.79 -22.27
CA LEU A 122 11.04 5.38 -22.50
C LEU A 122 12.44 5.28 -23.08
N TYR A 123 13.32 4.56 -22.39
CA TYR A 123 14.69 4.38 -22.84
C TYR A 123 14.93 2.94 -23.28
N GLU A 124 16.08 2.72 -23.92
CA GLU A 124 16.60 1.37 -24.10
C GLU A 124 16.79 0.67 -22.75
N GLU A 125 17.19 1.43 -21.74
CA GLU A 125 17.61 0.93 -20.44
C GLU A 125 16.47 0.87 -19.43
N GLY A 126 15.30 1.40 -19.74
CA GLY A 126 14.25 1.41 -18.74
C GLY A 126 13.25 2.54 -19.01
N LEU A 127 12.62 3.00 -17.93
CA LEU A 127 11.58 4.02 -18.03
C LEU A 127 11.83 5.07 -16.95
N ARG A 128 11.56 6.32 -17.27
CA ARG A 128 11.60 7.35 -16.23
C ARG A 128 10.34 8.18 -16.29
N VAL A 129 9.87 8.62 -15.13
CA VAL A 129 8.72 9.52 -15.02
C VAL A 129 9.20 10.83 -14.42
N VAL A 130 8.81 11.96 -15.03
CA VAL A 130 9.16 13.29 -14.55
C VAL A 130 7.85 14.04 -14.30
N ILE A 131 7.63 14.47 -13.05
CA ILE A 131 6.46 15.27 -12.72
C ILE A 131 6.96 16.64 -12.29
N HIS A 132 6.46 17.69 -12.95
CA HIS A 132 7.06 19.00 -12.78
C HIS A 132 5.98 20.08 -12.89
N THR A 133 6.41 21.35 -12.93
CA THR A 133 5.45 22.44 -12.91
C THR A 133 5.58 23.42 -14.08
N SER A 134 6.48 23.18 -15.03
CA SER A 134 6.75 24.15 -16.09
C SER A 134 5.99 23.83 -17.38
N ASN A 135 5.48 24.89 -18.03
CA ASN A 135 5.02 24.77 -19.40
C ASN A 135 6.21 24.54 -20.33
N LEU A 136 5.94 24.04 -21.54
CA LEU A 136 7.00 23.74 -22.50
C LEU A 136 7.23 24.92 -23.43
N ILE A 137 7.58 26.04 -22.81
CA ILE A 137 7.89 27.29 -23.51
C ILE A 137 9.14 27.87 -22.88
N HIS A 138 9.89 28.64 -23.66
CA HIS A 138 11.17 29.17 -23.19
C HIS A 138 11.04 29.91 -21.85
N ALA A 139 10.01 30.75 -21.70
CA ALA A 139 9.98 31.62 -20.52
C ALA A 139 9.76 30.87 -19.22
N ASP A 140 9.13 29.68 -19.28
CA ASP A 140 8.89 28.95 -18.05
C ASP A 140 10.16 28.32 -17.50
N TRP A 141 11.21 28.21 -18.30
CA TRP A 141 12.46 27.58 -17.87
C TRP A 141 13.58 28.59 -17.75
N HIS A 142 13.26 29.88 -17.85
CA HIS A 142 14.29 30.90 -17.96
C HIS A 142 14.56 31.55 -16.61
N GLN A 143 13.59 32.28 -16.04
CA GLN A 143 13.85 32.98 -14.79
C GLN A 143 12.72 32.79 -13.78
N LYS A 144 12.10 31.62 -13.75
CA LYS A 144 11.02 31.33 -12.81
C LYS A 144 11.51 30.32 -11.78
N THR A 145 10.85 30.29 -10.62
CA THR A 145 11.03 29.20 -9.68
C THR A 145 10.06 28.08 -10.06
N GLN A 146 10.58 26.92 -10.46
CA GLN A 146 9.78 25.78 -10.87
C GLN A 146 10.30 24.53 -10.16
N GLY A 147 9.44 23.52 -10.02
CA GLY A 147 9.80 22.30 -9.30
C GLY A 147 9.77 21.10 -10.22
N ILE A 148 10.62 20.12 -9.91
CA ILE A 148 10.76 18.89 -10.70
C ILE A 148 10.95 17.71 -9.75
N TRP A 149 10.17 16.64 -9.94
CA TRP A 149 10.47 15.38 -9.29
C TRP A 149 10.90 14.40 -10.36
N LEU A 150 12.06 13.76 -10.14
CA LEU A 150 12.63 12.79 -11.09
C LEU A 150 12.51 11.40 -10.49
N SER A 151 11.84 10.50 -11.21
CA SER A 151 11.80 9.12 -10.76
C SER A 151 13.16 8.44 -10.94
N PRO A 152 13.39 7.34 -10.24
CA PRO A 152 14.51 6.46 -10.59
C PRO A 152 14.34 5.95 -12.02
N LEU A 153 15.44 5.46 -12.58
CA LEU A 153 15.37 4.66 -13.79
C LEU A 153 14.69 3.32 -13.46
N TYR A 154 13.50 3.10 -14.01
CA TYR A 154 12.75 1.89 -13.71
C TYR A 154 13.15 0.80 -14.69
N PRO A 155 13.65 -0.35 -14.25
CA PRO A 155 14.06 -1.38 -15.21
C PRO A 155 12.86 -2.14 -15.76
N ARG A 156 13.06 -2.70 -16.95
CA ARG A 156 12.02 -3.54 -17.54
C ARG A 156 11.93 -4.88 -16.83
N ILE A 157 10.70 -5.38 -16.68
CA ILE A 157 10.50 -6.70 -16.10
C ILE A 157 10.74 -7.75 -17.18
N ALA A 158 11.53 -8.77 -16.85
CA ALA A 158 11.95 -9.75 -17.84
C ALA A 158 10.74 -10.44 -18.47
N ASP A 159 10.82 -10.65 -19.79
CA ASP A 159 9.76 -11.38 -20.50
C ASP A 159 9.61 -12.77 -19.92
N GLY A 160 8.38 -13.14 -19.58
CA GLY A 160 8.11 -14.40 -18.91
C GLY A 160 8.13 -14.35 -17.39
N THR A 161 8.58 -13.24 -16.80
CA THR A 161 8.55 -13.07 -15.36
C THR A 161 7.20 -12.47 -14.96
N HIS A 162 6.66 -12.94 -13.85
CA HIS A 162 5.42 -12.42 -13.28
C HIS A 162 5.76 -11.81 -11.92
N LYS A 163 5.74 -10.48 -11.86
CA LYS A 163 5.82 -9.75 -10.60
C LYS A 163 5.02 -8.47 -10.75
N SER A 164 4.64 -7.87 -9.62
CA SER A 164 3.84 -6.65 -9.71
C SER A 164 4.66 -5.46 -10.22
N GLY A 165 5.92 -5.35 -9.79
CA GLY A 165 6.62 -4.10 -10.04
C GLY A 165 6.09 -2.92 -9.24
N GLU A 166 5.36 -3.17 -8.16
CA GLU A 166 4.67 -2.14 -7.41
C GLU A 166 5.52 -1.66 -6.23
N SER A 167 5.35 -0.38 -5.87
N SER A 167 5.36 -0.38 -5.87
CA SER A 167 6.04 0.24 -4.74
CA SER A 167 6.06 0.22 -4.74
C SER A 167 5.19 0.16 -3.49
C SER A 167 5.19 0.19 -3.49
N PRO A 168 5.77 0.36 -2.30
CA PRO A 168 4.93 0.45 -1.10
C PRO A 168 3.99 1.63 -1.13
N THR A 169 4.24 2.64 -1.95
CA THR A 169 3.31 3.76 -2.08
C THR A 169 2.24 3.53 -3.14
N HIS A 170 2.23 2.38 -3.82
CA HIS A 170 1.21 2.07 -4.82
C HIS A 170 1.32 2.98 -6.04
N PHE A 171 2.52 3.54 -6.27
CA PHE A 171 2.70 4.53 -7.34
C PHE A 171 2.39 3.94 -8.72
N LYS A 172 2.77 2.68 -8.97
CA LYS A 172 2.53 2.14 -10.31
C LYS A 172 1.04 2.03 -10.61
N ALA A 173 0.28 1.46 -9.67
CA ALA A 173 -1.16 1.35 -9.86
C ALA A 173 -1.82 2.72 -9.95
N ASP A 174 -1.35 3.68 -9.13
CA ASP A 174 -1.97 5.00 -9.14
C ASP A 174 -1.67 5.76 -10.43
N LEU A 175 -0.46 5.60 -10.98
CA LEU A 175 -0.15 6.24 -12.26
C LEU A 175 -0.98 5.62 -13.41
N ILE A 176 -1.13 4.30 -13.41
CA ILE A 176 -1.95 3.66 -14.44
C ILE A 176 -3.39 4.14 -14.30
N SER A 177 -3.90 4.20 -13.08
N SER A 177 -3.90 4.23 -13.08
CA SER A 177 -5.25 4.70 -12.84
CA SER A 177 -5.26 4.70 -12.85
C SER A 177 -5.43 6.11 -13.38
C SER A 177 -5.44 6.12 -13.36
N TYR A 178 -4.44 6.98 -13.14
CA TYR A 178 -4.49 8.34 -13.65
C TYR A 178 -4.57 8.34 -15.17
N LEU A 179 -3.72 7.55 -15.83
CA LEU A 179 -3.74 7.53 -17.29
C LEU A 179 -5.00 6.88 -17.84
N MET A 180 -5.55 5.89 -17.13
N MET A 180 -5.53 5.87 -17.14
CA MET A 180 -6.77 5.26 -17.60
CA MET A 180 -6.78 5.23 -17.55
C MET A 180 -7.94 6.23 -17.64
C MET A 180 -7.90 6.25 -17.67
N ALA A 181 -7.89 7.28 -16.81
CA ALA A 181 -8.98 8.24 -16.77
C ALA A 181 -9.12 9.04 -18.06
N TYR A 182 -8.06 9.10 -18.88
CA TYR A 182 -8.14 9.81 -20.15
C TYR A 182 -8.97 9.04 -21.16
N ASN A 183 -9.08 7.71 -21.01
CA ASN A 183 -9.77 6.86 -21.99
C ASN A 183 -9.23 7.11 -23.41
N ALA A 184 -7.92 7.11 -23.54
CA ALA A 184 -7.30 7.56 -24.80
C ALA A 184 -6.44 6.45 -25.39
N PRO A 185 -6.57 6.15 -26.69
CA PRO A 185 -5.76 5.05 -27.25
C PRO A 185 -4.26 5.29 -27.16
N SER A 186 -3.78 6.51 -27.38
CA SER A 186 -2.34 6.72 -27.33
C SER A 186 -1.80 6.55 -25.90
N LEU A 187 -2.64 6.73 -24.89
CA LEU A 187 -2.17 6.52 -23.53
C LEU A 187 -2.31 5.06 -23.09
N LYS A 188 -3.20 4.29 -23.74
CA LYS A 188 -3.21 2.85 -23.47
C LYS A 188 -1.87 2.21 -23.86
N GLU A 189 -1.23 2.71 -24.92
CA GLU A 189 0.12 2.25 -25.25
C GLU A 189 1.09 2.52 -24.11
N TRP A 190 1.04 3.72 -23.52
CA TRP A 190 1.93 4.02 -22.40
C TRP A 190 1.55 3.24 -21.14
N ILE A 191 0.27 2.94 -20.97
CA ILE A 191 -0.12 2.09 -19.84
C ILE A 191 0.53 0.71 -19.96
N ASP A 192 0.54 0.16 -21.18
CA ASP A 192 1.17 -1.14 -21.41
C ASP A 192 2.68 -1.08 -21.18
N VAL A 193 3.31 0.04 -21.53
CA VAL A 193 4.73 0.25 -21.23
C VAL A 193 4.98 0.24 -19.72
N ILE A 194 4.15 0.97 -18.97
CA ILE A 194 4.33 1.04 -17.52
C ILE A 194 4.15 -0.33 -16.89
N HIS A 195 3.17 -1.10 -17.39
CA HIS A 195 2.94 -2.46 -16.88
C HIS A 195 4.20 -3.31 -16.96
N LYS A 196 4.97 -3.11 -18.02
CA LYS A 196 6.15 -3.94 -18.24
C LYS A 196 7.37 -3.48 -17.47
N HIS A 197 7.27 -2.45 -16.61
CA HIS A 197 8.43 -1.96 -15.88
C HIS A 197 8.25 -2.13 -14.37
N ASP A 198 9.38 -2.18 -13.67
CA ASP A 198 9.41 -2.37 -12.23
C ASP A 198 9.54 -0.98 -11.58
N LEU A 199 8.47 -0.51 -10.94
CA LEU A 199 8.47 0.78 -10.26
C LEU A 199 8.58 0.65 -8.75
N SER A 200 9.04 -0.51 -8.26
CA SER A 200 8.98 -0.78 -6.83
C SER A 200 9.84 0.16 -5.99
N GLU A 201 10.84 0.82 -6.56
CA GLU A 201 11.68 1.71 -5.78
C GLU A 201 11.06 3.08 -5.52
N THR A 202 9.84 3.35 -5.97
CA THR A 202 9.28 4.69 -5.83
C THR A 202 8.87 4.95 -4.38
N ASN A 203 9.29 6.10 -3.85
N ASN A 203 9.28 6.10 -3.84
CA ASN A 203 9.01 6.42 -2.45
CA ASN A 203 8.98 6.43 -2.46
C ASN A 203 8.03 7.60 -2.29
C ASN A 203 8.20 7.74 -2.35
N VAL A 204 7.42 8.08 -3.37
CA VAL A 204 6.45 9.17 -3.29
C VAL A 204 5.07 8.63 -3.64
N TYR A 205 4.04 9.34 -3.17
CA TYR A 205 2.64 9.06 -3.45
C TYR A 205 2.16 9.99 -4.55
N LEU A 206 1.36 9.44 -5.49
CA LEU A 206 0.81 10.24 -6.58
C LEU A 206 -0.51 10.87 -6.12
N ILE A 207 -0.67 12.16 -6.34
CA ILE A 207 -1.92 12.85 -6.04
C ILE A 207 -2.39 13.49 -7.33
N GLY A 208 -3.46 12.96 -7.90
CA GLY A 208 -3.94 13.53 -9.14
C GLY A 208 -5.35 14.08 -9.06
N SER A 209 -5.69 14.94 -10.00
CA SER A 209 -7.07 15.35 -10.23
C SER A 209 -7.40 14.97 -11.67
N THR A 210 -8.63 14.52 -11.89
N THR A 210 -8.60 14.44 -11.88
CA THR A 210 -9.15 14.30 -13.23
CA THR A 210 -9.16 14.28 -13.22
C THR A 210 -10.61 14.74 -13.24
C THR A 210 -10.58 14.82 -13.21
N PRO A 211 -11.10 15.28 -14.35
CA PRO A 211 -12.45 15.85 -14.35
C PRO A 211 -13.51 14.81 -14.09
N GLY A 212 -14.52 15.19 -13.34
CA GLY A 212 -15.67 14.34 -13.15
C GLY A 212 -16.38 14.62 -11.84
N ARG A 213 -17.37 13.76 -11.56
N ARG A 213 -17.36 13.76 -11.55
CA ARG A 213 -18.16 13.81 -10.35
CA ARG A 213 -18.15 13.82 -10.33
C ARG A 213 -18.01 12.46 -9.67
C ARG A 213 -18.04 12.47 -9.66
N PHE A 214 -17.38 12.43 -8.51
CA PHE A 214 -16.98 11.18 -7.88
C PHE A 214 -17.74 10.97 -6.58
N GLN A 215 -18.40 9.84 -6.47
CA GLN A 215 -19.10 9.48 -5.24
C GLN A 215 -18.62 8.11 -4.76
N GLY A 216 -18.96 7.79 -3.53
CA GLY A 216 -18.81 6.41 -3.07
C GLY A 216 -17.36 5.99 -3.01
N SER A 217 -17.07 4.82 -3.58
CA SER A 217 -15.71 4.26 -3.55
C SER A 217 -14.72 5.09 -4.34
N GLN A 218 -15.19 5.99 -5.21
CA GLN A 218 -14.31 6.81 -6.03
C GLN A 218 -14.02 8.18 -5.44
N LYS A 219 -14.74 8.58 -4.39
CA LYS A 219 -14.55 9.90 -3.80
C LYS A 219 -13.12 10.13 -3.31
N ASP A 220 -12.44 9.10 -2.80
CA ASP A 220 -11.10 9.27 -2.26
C ASP A 220 -10.01 9.18 -3.32
N ASN A 221 -10.37 9.00 -4.60
CA ASN A 221 -9.36 8.78 -5.63
C ASN A 221 -8.65 10.04 -6.06
N TRP A 222 -9.27 11.22 -5.92
CA TRP A 222 -8.70 12.40 -6.57
C TRP A 222 -8.76 13.63 -5.68
N GLY A 223 -8.01 14.66 -6.08
CA GLY A 223 -8.09 15.99 -5.47
C GLY A 223 -7.83 15.99 -3.97
N HIS A 224 -8.53 16.87 -3.26
CA HIS A 224 -8.19 17.02 -1.85
C HIS A 224 -8.68 15.87 -1.00
N PHE A 225 -9.62 15.07 -1.50
CA PHE A 225 -10.00 13.86 -0.78
C PHE A 225 -8.94 12.78 -0.91
N ARG A 226 -8.22 12.74 -2.04
CA ARG A 226 -7.09 11.83 -2.16
C ARG A 226 -6.02 12.20 -1.13
N LEU A 227 -5.74 13.50 -0.99
CA LEU A 227 -4.77 13.94 -0.02
C LEU A 227 -5.20 13.56 1.40
N LYS A 228 -6.46 13.85 1.73
CA LYS A 228 -7.00 13.50 3.04
C LYS A 228 -6.80 12.01 3.34
N LYS A 229 -7.17 11.16 2.38
CA LYS A 229 -7.06 9.71 2.56
C LYS A 229 -5.62 9.28 2.83
N LEU A 230 -4.66 9.84 2.08
CA LEU A 230 -3.26 9.48 2.29
C LEU A 230 -2.76 9.95 3.65
N LEU A 231 -3.19 11.14 4.07
CA LEU A 231 -2.72 11.65 5.35
C LEU A 231 -3.35 10.91 6.51
N LYS A 232 -4.59 10.43 6.32
CA LYS A 232 -5.21 9.61 7.35
C LYS A 232 -4.50 8.27 7.48
N ASP A 233 -4.11 7.67 6.36
CA ASP A 233 -3.57 6.31 6.34
C ASP A 233 -2.06 6.23 6.56
N HIS A 234 -1.30 7.28 6.27
CA HIS A 234 0.15 7.15 6.22
C HIS A 234 0.91 8.23 6.97
N ALA A 235 0.21 9.13 7.65
CA ALA A 235 0.81 10.07 8.58
C ALA A 235 0.24 9.82 9.97
N SER A 236 0.95 10.29 10.98
CA SER A 236 0.53 10.13 12.37
C SER A 236 0.32 11.50 12.99
N SER A 237 -0.71 11.61 13.83
CA SER A 237 -0.96 12.84 14.55
C SER A 237 0.01 12.95 15.72
N MET A 238 0.55 14.14 15.92
CA MET A 238 1.41 14.43 17.07
C MET A 238 0.66 15.28 18.08
N PRO A 239 1.06 15.24 19.35
CA PRO A 239 0.43 16.16 20.31
C PRO A 239 0.68 17.60 19.88
N ASN A 240 -0.29 18.46 20.22
CA ASN A 240 -0.24 19.86 19.79
C ASN A 240 -0.25 19.99 18.27
N ALA A 241 -0.89 19.01 17.60
CA ALA A 241 -1.05 19.09 16.15
C ALA A 241 -1.77 20.35 15.73
N GLU A 242 -2.69 20.86 16.56
CA GLU A 242 -3.38 22.10 16.22
C GLU A 242 -2.43 23.29 16.11
N SER A 243 -1.19 23.17 16.60
CA SER A 243 -0.20 24.24 16.51
C SER A 243 0.64 24.18 15.23
N TRP A 244 0.56 23.09 14.48
CA TRP A 244 1.38 22.93 13.28
C TRP A 244 0.65 23.61 12.14
N PRO A 245 1.20 24.70 11.59
CA PRO A 245 0.50 25.41 10.51
C PRO A 245 0.34 24.58 9.24
N VAL A 246 -0.51 25.08 8.35
CA VAL A 246 -0.60 24.62 6.96
C VAL A 246 -0.08 25.74 6.09
N VAL A 247 0.74 25.40 5.09
CA VAL A 247 1.28 26.39 4.16
C VAL A 247 0.87 26.01 2.75
N GLY A 248 0.33 26.97 2.01
CA GLY A 248 0.03 26.78 0.60
C GLY A 248 0.67 27.88 -0.22
N GLN A 249 1.22 27.50 -1.36
CA GLN A 249 2.06 28.38 -2.15
C GLN A 249 1.72 28.13 -3.62
N PHE A 250 1.31 29.16 -4.35
CA PHE A 250 0.66 28.91 -5.65
C PHE A 250 0.90 30.11 -6.55
N SER A 251 0.52 29.97 -7.81
CA SER A 251 0.72 31.05 -8.77
C SER A 251 -0.59 31.62 -9.29
N SER A 252 -1.73 31.10 -8.86
CA SER A 252 -3.03 31.55 -9.32
C SER A 252 -4.05 31.21 -8.24
N VAL A 253 -5.12 32.00 -8.19
CA VAL A 253 -6.20 31.81 -7.24
C VAL A 253 -7.51 31.79 -8.00
N GLY A 254 -8.38 30.84 -7.67
CA GLY A 254 -9.72 30.81 -8.23
C GLY A 254 -10.69 31.58 -7.37
N SER A 255 -11.95 31.59 -7.80
N SER A 255 -11.94 31.58 -7.81
CA SER A 255 -13.02 32.17 -7.00
CA SER A 255 -13.06 32.11 -7.01
C SER A 255 -13.33 31.21 -5.86
C SER A 255 -13.31 31.17 -5.85
N LEU A 256 -13.05 31.63 -4.62
CA LEU A 256 -13.21 30.74 -3.47
C LEU A 256 -14.53 30.94 -2.73
N GLY A 257 -15.32 31.95 -3.07
CA GLY A 257 -16.55 32.21 -2.37
C GLY A 257 -16.49 33.50 -1.56
N ALA A 258 -17.66 33.83 -0.99
CA ALA A 258 -17.85 35.12 -0.33
C ALA A 258 -17.14 35.20 1.01
N ASP A 259 -16.73 34.06 1.58
CA ASP A 259 -16.00 34.04 2.84
C ASP A 259 -15.25 32.72 2.97
N GLU A 260 -14.39 32.67 4.00
CA GLU A 260 -13.51 31.52 4.18
C GLU A 260 -14.28 30.25 4.46
N SER A 261 -15.49 30.37 5.03
CA SER A 261 -16.26 29.17 5.38
C SER A 261 -16.85 28.48 4.15
N LYS A 262 -16.88 29.13 2.98
CA LYS A 262 -17.49 28.52 1.81
C LYS A 262 -16.70 27.32 1.30
N TRP A 263 -15.37 27.39 1.31
CA TRP A 263 -14.55 26.31 0.77
C TRP A 263 -13.18 26.25 1.42
N LEU A 264 -12.52 27.41 1.55
CA LEU A 264 -11.11 27.44 1.93
C LEU A 264 -10.89 26.80 3.29
N CYS A 265 -11.61 27.24 4.30
CA CYS A 265 -11.43 26.69 5.63
C CYS A 265 -12.40 25.57 5.96
N SER A 266 -13.46 25.40 5.17
CA SER A 266 -14.44 24.35 5.48
C SER A 266 -13.97 23.00 4.97
N GLU A 267 -13.77 22.85 3.66
CA GLU A 267 -13.35 21.55 3.16
C GLU A 267 -11.90 21.47 2.73
N PHE A 268 -11.32 22.51 2.13
CA PHE A 268 -9.92 22.45 1.73
C PHE A 268 -8.98 22.35 2.93
N LYS A 269 -9.02 23.34 3.82
CA LYS A 269 -8.17 23.30 5.01
C LYS A 269 -8.43 22.05 5.84
N GLU A 270 -9.69 21.60 5.90
CA GLU A 270 -9.99 20.41 6.68
C GLU A 270 -9.27 19.17 6.13
N SER A 271 -9.22 19.03 4.80
CA SER A 271 -8.42 17.95 4.22
C SER A 271 -6.94 18.13 4.56
N MET A 272 -6.41 19.35 4.41
CA MET A 272 -4.98 19.52 4.62
C MET A 272 -4.54 19.39 6.07
N LEU A 273 -5.47 19.56 7.02
N LEU A 273 -5.43 19.55 7.05
CA LEU A 273 -5.18 19.40 8.45
CA LEU A 273 -5.00 19.38 8.44
C LEU A 273 -5.06 17.95 8.88
C LEU A 273 -5.20 17.96 8.94
N THR A 274 -5.57 17.02 8.07
CA THR A 274 -5.69 15.62 8.48
C THR A 274 -4.33 15.03 8.84
N LEU A 275 -4.29 14.28 9.94
CA LEU A 275 -3.12 13.50 10.31
C LEU A 275 -3.61 12.29 11.08
N GLY A 276 -3.33 11.09 10.58
CA GLY A 276 -3.68 9.90 11.34
C GLY A 276 -5.17 9.60 11.29
N LYS A 277 -5.54 8.51 11.99
CA LYS A 277 -6.84 7.88 11.82
C LYS A 277 -7.93 8.42 12.73
N GLU A 278 -7.60 9.22 13.75
CA GLU A 278 -8.58 9.65 14.73
C GLU A 278 -9.32 10.90 14.27
N SER A 279 -10.44 11.17 14.93
CA SER A 279 -11.27 12.32 14.61
C SER A 279 -10.76 13.57 15.31
N SER A 285 -11.41 25.09 14.10
CA SER A 285 -9.97 24.82 14.15
C SER A 285 -9.14 26.09 14.16
N SER A 286 -8.15 26.13 15.05
CA SER A 286 -7.26 27.27 15.18
C SER A 286 -5.89 27.02 14.55
N VAL A 287 -5.80 26.06 13.62
CA VAL A 287 -4.55 25.81 12.91
C VAL A 287 -4.27 26.99 11.99
N PRO A 288 -3.12 27.63 12.10
CA PRO A 288 -2.82 28.78 11.22
C PRO A 288 -2.69 28.35 9.77
N LEU A 289 -3.11 29.23 8.87
CA LEU A 289 -3.02 28.98 7.44
C LEU A 289 -2.20 30.09 6.80
N TYR A 290 -1.04 29.75 6.24
CA TYR A 290 -0.18 30.70 5.55
C TYR A 290 -0.34 30.46 4.06
N LEU A 291 -0.73 31.50 3.32
CA LEU A 291 -0.79 31.41 1.86
C LEU A 291 0.30 32.30 1.27
N ILE A 292 1.11 31.75 0.38
CA ILE A 292 2.24 32.47 -0.23
C ILE A 292 1.90 32.78 -1.67
N TYR A 293 1.84 34.07 -2.01
CA TYR A 293 1.49 34.50 -3.36
C TYR A 293 2.16 35.85 -3.63
N PRO A 294 2.81 36.02 -4.78
CA PRO A 294 3.63 37.23 -5.01
C PRO A 294 2.83 38.51 -4.91
N SER A 295 3.37 39.49 -4.17
CA SER A 295 2.83 40.84 -4.16
C SER A 295 3.20 41.60 -5.44
N VAL A 296 2.59 42.77 -5.62
CA VAL A 296 2.95 43.61 -6.77
C VAL A 296 4.44 43.94 -6.73
N GLU A 297 4.96 44.25 -5.53
N GLU A 297 4.98 44.23 -5.54
CA GLU A 297 6.38 44.60 -5.40
CA GLU A 297 6.39 44.61 -5.47
C GLU A 297 7.27 43.41 -5.76
C GLU A 297 7.31 43.42 -5.71
N ASN A 298 6.89 42.20 -5.32
CA ASN A 298 7.61 41.00 -5.71
C ASN A 298 7.76 40.94 -7.24
N VAL A 299 6.66 41.20 -7.97
CA VAL A 299 6.70 41.07 -9.42
C VAL A 299 7.51 42.20 -10.04
N ARG A 300 7.28 43.42 -9.58
CA ARG A 300 7.99 44.59 -10.14
C ARG A 300 9.50 44.43 -10.05
N THR A 301 10.00 43.99 -8.91
CA THR A 301 11.44 43.90 -8.72
C THR A 301 12.01 42.56 -9.16
N SER A 302 11.21 41.71 -9.82
CA SER A 302 11.68 40.39 -10.22
C SER A 302 12.67 40.49 -11.39
N LEU A 303 13.34 39.37 -11.67
CA LEU A 303 14.24 39.29 -12.81
C LEU A 303 13.53 39.62 -14.13
N GLU A 304 12.30 39.12 -14.30
CA GLU A 304 11.55 39.40 -15.51
C GLU A 304 10.85 40.75 -15.47
N GLY A 305 10.66 41.33 -14.29
CA GLY A 305 9.86 42.53 -14.18
C GLY A 305 8.37 42.21 -14.29
N TYR A 306 7.59 43.24 -14.59
CA TYR A 306 6.15 43.07 -14.71
C TYR A 306 5.72 41.91 -15.62
N PRO A 307 6.42 41.60 -16.75
CA PRO A 307 6.01 40.45 -17.58
C PRO A 307 5.92 39.13 -16.84
N ALA A 308 6.62 38.99 -15.71
CA ALA A 308 6.42 37.79 -14.90
C ALA A 308 4.97 37.64 -14.48
N GLY A 309 4.27 38.76 -14.31
CA GLY A 309 2.87 38.72 -13.94
C GLY A 309 1.97 38.14 -15.02
N GLY A 310 2.48 38.01 -16.24
CA GLY A 310 1.74 37.31 -17.27
C GLY A 310 1.52 35.85 -16.96
N SER A 311 2.29 35.29 -16.03
CA SER A 311 2.12 33.91 -15.59
C SER A 311 1.54 33.80 -14.19
N LEU A 312 0.90 34.86 -13.71
CA LEU A 312 0.28 34.87 -12.38
C LEU A 312 -1.12 35.43 -12.60
N PRO A 313 -2.04 34.62 -13.17
CA PRO A 313 -3.27 35.15 -13.81
C PRO A 313 -4.44 35.36 -12.84
N TYR A 314 -4.22 36.15 -11.80
CA TYR A 314 -5.26 36.51 -10.84
C TYR A 314 -5.96 37.76 -11.35
N SER A 315 -7.23 37.64 -11.71
CA SER A 315 -7.94 38.75 -12.34
C SER A 315 -8.61 39.65 -11.30
N ILE A 316 -8.77 40.93 -11.64
CA ILE A 316 -9.40 41.85 -10.71
C ILE A 316 -10.86 41.45 -10.45
N GLN A 317 -11.51 40.85 -11.45
CA GLN A 317 -12.91 40.44 -11.29
C GLN A 317 -13.05 39.42 -10.16
N THR A 318 -12.20 38.41 -10.15
CA THR A 318 -12.20 37.43 -9.07
C THR A 318 -11.78 38.05 -7.75
N ALA A 319 -10.68 38.81 -7.77
CA ALA A 319 -10.09 39.31 -6.53
C ALA A 319 -11.06 40.21 -5.77
N GLU A 320 -11.80 41.06 -6.49
CA GLU A 320 -12.69 42.02 -5.83
C GLU A 320 -13.81 41.32 -5.08
N LYS A 321 -14.14 40.09 -5.47
CA LYS A 321 -15.20 39.34 -4.81
C LYS A 321 -14.73 38.64 -3.54
N GLN A 322 -13.44 38.67 -3.22
CA GLN A 322 -12.94 37.89 -2.10
C GLN A 322 -11.79 38.62 -1.40
N ASN A 323 -11.99 39.90 -1.09
CA ASN A 323 -10.94 40.63 -0.39
C ASN A 323 -10.60 40.01 0.95
N TRP A 324 -11.52 39.25 1.57
CA TRP A 324 -11.20 38.57 2.82
C TRP A 324 -9.98 37.68 2.68
N LEU A 325 -9.75 37.12 1.47
CA LEU A 325 -8.67 36.16 1.26
C LEU A 325 -7.30 36.78 1.43
N HIS A 326 -7.16 38.07 1.12
CA HIS A 326 -5.83 38.63 1.03
C HIS A 326 -5.19 38.83 2.39
N SER A 327 -5.95 38.79 3.47
N SER A 327 -5.95 38.79 3.47
CA SER A 327 -5.34 38.84 4.80
CA SER A 327 -5.36 38.83 4.80
C SER A 327 -4.64 37.54 5.17
C SER A 327 -4.52 37.59 5.08
N TYR A 328 -4.69 36.52 4.30
CA TYR A 328 -3.91 35.30 4.47
C TYR A 328 -2.61 35.32 3.69
N PHE A 329 -2.39 36.35 2.88
CA PHE A 329 -1.31 36.31 1.91
C PHE A 329 0.02 36.71 2.52
N HIS A 330 1.07 36.02 2.10
CA HIS A 330 2.44 36.25 2.52
C HIS A 330 3.28 36.41 1.26
N LYS A 331 4.33 37.23 1.35
CA LYS A 331 5.17 37.53 0.20
C LYS A 331 5.98 36.31 -0.22
N TRP A 332 6.40 36.33 -1.49
CA TRP A 332 7.37 35.35 -1.97
C TRP A 332 8.76 35.76 -1.50
N SER A 333 9.44 34.83 -0.83
CA SER A 333 10.80 35.08 -0.40
C SER A 333 11.54 33.75 -0.46
N ALA A 334 12.74 33.75 -1.06
CA ALA A 334 13.42 32.49 -1.33
C ALA A 334 14.94 32.67 -1.26
N GLU A 335 15.40 33.39 -0.22
CA GLU A 335 16.85 33.53 -0.01
C GLU A 335 17.52 32.17 0.09
N THR A 336 16.86 31.20 0.72
CA THR A 336 17.45 29.87 0.90
C THR A 336 17.91 29.25 -0.41
N SER A 337 17.27 29.57 -1.55
CA SER A 337 17.64 29.01 -2.85
C SER A 337 18.06 30.10 -3.83
N GLY A 338 18.35 31.29 -3.34
CA GLY A 338 18.74 32.40 -4.20
C GLY A 338 17.66 32.85 -5.18
N ARG A 339 16.39 32.60 -4.90
CA ARG A 339 15.35 32.78 -5.91
C ARG A 339 14.27 33.77 -5.49
N SER A 340 14.58 34.72 -4.58
CA SER A 340 13.59 35.72 -4.22
C SER A 340 13.12 36.54 -5.42
N ASN A 341 13.97 36.74 -6.42
CA ASN A 341 13.60 37.50 -7.62
C ASN A 341 13.22 36.62 -8.82
N ALA A 342 13.03 35.32 -8.60
CA ALA A 342 12.61 34.39 -9.64
C ALA A 342 11.17 34.00 -9.31
N MET A 343 10.20 34.56 -10.04
CA MET A 343 8.82 34.46 -9.58
C MET A 343 8.34 33.01 -9.64
N PRO A 344 7.53 32.59 -8.67
CA PRO A 344 7.15 31.17 -8.57
C PRO A 344 6.12 30.80 -9.60
N HIS A 345 6.38 29.71 -10.31
CA HIS A 345 5.35 28.98 -11.02
C HIS A 345 5.20 27.57 -10.46
N ILE A 346 6.07 27.17 -9.55
CA ILE A 346 5.86 25.99 -8.73
C ILE A 346 4.64 26.21 -7.82
N LYS A 347 3.96 25.12 -7.45
CA LYS A 347 2.94 25.15 -6.41
C LYS A 347 3.33 24.10 -5.38
N THR A 348 3.25 24.46 -4.10
CA THR A 348 3.63 23.56 -3.02
C THR A 348 2.68 23.73 -1.84
N TYR A 349 2.54 22.65 -1.09
CA TYR A 349 1.69 22.62 0.10
C TYR A 349 2.46 21.80 1.12
N MET A 350 2.46 22.22 2.39
CA MET A 350 3.22 21.47 3.39
C MET A 350 2.67 21.76 4.78
N ARG A 351 3.15 21.00 5.75
CA ARG A 351 2.66 21.06 7.12
C ARG A 351 3.85 21.21 8.07
N PRO A 352 4.35 22.43 8.24
CA PRO A 352 5.49 22.64 9.16
C PRO A 352 5.10 22.60 10.63
N SER A 353 6.11 22.36 11.46
CA SER A 353 5.99 22.45 12.91
C SER A 353 5.85 23.91 13.34
N PRO A 354 5.45 24.18 14.59
CA PRO A 354 5.17 25.57 14.97
C PRO A 354 6.37 26.48 14.85
N ASP A 355 7.59 25.95 14.97
CA ASP A 355 8.79 26.75 14.78
C ASP A 355 9.41 26.55 13.41
N PHE A 356 8.70 25.88 12.50
CA PHE A 356 9.12 25.73 11.10
C PHE A 356 10.46 25.01 10.93
N SER A 357 10.88 24.23 11.93
CA SER A 357 12.12 23.48 11.81
C SER A 357 11.92 22.08 11.27
N LYS A 358 10.69 21.58 11.30
CA LYS A 358 10.33 20.26 10.79
C LYS A 358 9.10 20.38 9.92
N ILE A 359 8.85 19.36 9.08
CA ILE A 359 7.61 19.32 8.32
C ILE A 359 7.04 17.91 8.38
N ALA A 360 5.72 17.81 8.54
CA ALA A 360 5.03 16.53 8.56
C ALA A 360 4.82 15.93 7.16
N TRP A 361 4.87 16.75 6.11
CA TRP A 361 4.74 16.29 4.72
C TRP A 361 4.96 17.47 3.79
N PHE A 362 5.23 17.16 2.51
CA PHE A 362 5.45 18.17 1.50
C PHE A 362 4.83 17.69 0.17
N LEU A 363 4.11 18.56 -0.51
CA LEU A 363 3.48 18.23 -1.79
C LEU A 363 3.92 19.26 -2.83
N VAL A 364 4.38 18.79 -4.00
CA VAL A 364 4.64 19.67 -5.13
C VAL A 364 3.71 19.24 -6.24
N THR A 365 3.09 20.21 -6.90
CA THR A 365 1.98 19.87 -7.79
C THR A 365 1.76 20.97 -8.81
N SER A 366 0.96 20.64 -9.84
CA SER A 366 0.45 21.66 -10.75
C SER A 366 -0.81 22.36 -10.21
N ALA A 367 -1.41 21.88 -9.12
CA ALA A 367 -2.68 22.42 -8.63
C ALA A 367 -2.51 23.76 -7.92
N ASN A 368 -3.15 24.79 -8.46
CA ASN A 368 -3.28 26.09 -7.84
C ASN A 368 -4.36 26.06 -6.75
N LEU A 369 -4.57 27.21 -6.09
CA LEU A 369 -5.55 27.30 -5.00
C LEU A 369 -6.93 27.57 -5.60
N SER A 370 -7.56 26.50 -6.08
CA SER A 370 -8.83 26.66 -6.77
C SER A 370 -9.67 25.40 -6.62
N LYS A 371 -11.00 25.60 -6.63
CA LYS A 371 -11.92 24.49 -6.60
C LYS A 371 -11.82 23.62 -7.86
N ALA A 372 -11.49 24.23 -8.99
CA ALA A 372 -11.35 23.51 -10.25
C ALA A 372 -10.34 22.37 -10.11
N ALA A 373 -9.23 22.64 -9.44
CA ALA A 373 -8.11 21.70 -9.35
C ALA A 373 -8.26 20.73 -8.20
N TRP A 374 -8.71 21.20 -7.04
CA TRP A 374 -8.75 20.37 -5.86
C TRP A 374 -10.10 19.69 -5.65
N GLY A 375 -11.14 20.19 -6.30
CA GLY A 375 -12.47 19.62 -6.15
C GLY A 375 -13.31 20.39 -5.15
N ALA A 376 -14.62 20.39 -5.38
CA ALA A 376 -15.59 20.98 -4.47
C ALA A 376 -16.71 19.98 -4.22
N LEU A 377 -17.17 19.90 -2.98
CA LEU A 377 -18.22 18.96 -2.62
C LEU A 377 -19.58 19.42 -3.16
N GLU A 378 -20.37 18.46 -3.65
CA GLU A 378 -21.69 18.70 -4.22
C GLU A 378 -22.65 17.67 -3.64
N LYS A 379 -23.95 17.88 -3.89
N LYS A 379 -23.94 17.91 -3.88
CA LYS A 379 -24.99 16.90 -3.56
CA LYS A 379 -25.02 16.96 -3.56
C LYS A 379 -24.96 16.49 -2.09
C LYS A 379 -24.96 16.51 -2.11
N ASN A 380 -25.09 17.48 -1.21
CA ASN A 380 -25.17 17.24 0.23
C ASN A 380 -23.90 16.56 0.76
N GLY A 381 -22.74 16.99 0.26
CA GLY A 381 -21.46 16.41 0.65
C GLY A 381 -21.19 14.99 0.18
N THR A 382 -21.97 14.44 -0.76
CA THR A 382 -21.77 13.06 -1.19
C THR A 382 -20.96 12.92 -2.47
N GLN A 383 -20.64 14.02 -3.14
CA GLN A 383 -20.02 13.94 -4.45
C GLN A 383 -18.94 15.02 -4.56
N LEU A 384 -17.76 14.65 -5.08
CA LEU A 384 -16.67 15.58 -5.30
C LEU A 384 -16.57 15.87 -6.79
N MET A 385 -16.70 17.14 -7.15
CA MET A 385 -16.67 17.56 -8.54
C MET A 385 -15.34 18.24 -8.83
N ILE A 386 -14.63 17.75 -9.83
CA ILE A 386 -13.35 18.29 -10.25
C ILE A 386 -13.48 18.66 -11.72
N ARG A 387 -12.93 19.82 -12.10
CA ARG A 387 -13.02 20.26 -13.47
C ARG A 387 -11.79 19.97 -14.32
N SER A 388 -10.60 19.83 -13.70
N SER A 388 -10.61 19.82 -13.72
CA SER A 388 -9.34 19.88 -14.43
CA SER A 388 -9.37 19.84 -14.48
C SER A 388 -8.47 18.65 -14.16
C SER A 388 -8.52 18.60 -14.20
N TYR A 389 -7.48 18.45 -15.03
CA TYR A 389 -6.42 17.46 -14.80
C TYR A 389 -5.28 18.16 -14.07
N GLU A 390 -4.80 17.54 -12.98
CA GLU A 390 -3.66 18.02 -12.20
C GLU A 390 -2.87 16.81 -11.71
N LEU A 391 -1.61 17.04 -11.35
CA LEU A 391 -0.74 15.96 -10.90
C LEU A 391 0.37 16.52 -10.01
N GLY A 392 0.64 15.80 -8.94
CA GLY A 392 1.69 16.20 -8.01
C GLY A 392 2.17 14.97 -7.27
N VAL A 393 3.23 15.15 -6.49
CA VAL A 393 3.78 14.04 -5.71
C VAL A 393 3.90 14.46 -4.26
N LEU A 394 3.56 13.53 -3.38
CA LEU A 394 3.50 13.77 -1.95
C LEU A 394 4.65 13.04 -1.27
N PHE A 395 5.42 13.77 -0.48
CA PHE A 395 6.53 13.25 0.32
C PHE A 395 6.05 13.10 1.74
N LEU A 396 5.96 11.84 2.20
CA LEU A 396 5.56 11.51 3.56
C LEU A 396 6.73 10.91 4.32
N PRO A 397 7.02 11.39 5.52
CA PRO A 397 8.12 10.82 6.31
C PRO A 397 8.06 9.30 6.45
N SER A 398 6.87 8.73 6.69
CA SER A 398 6.75 7.28 6.83
C SER A 398 7.27 6.53 5.62
N ALA A 399 7.21 7.13 4.43
CA ALA A 399 7.71 6.45 3.25
C ALA A 399 9.23 6.44 3.17
N PHE A 400 9.90 7.16 4.08
CA PHE A 400 11.36 7.19 4.16
C PHE A 400 11.85 6.65 5.48
N GLY A 401 10.98 5.98 6.25
CA GLY A 401 11.32 5.48 7.56
C GLY A 401 11.48 6.54 8.63
N LEU A 402 10.80 7.68 8.51
CA LEU A 402 10.99 8.79 9.43
C LEU A 402 9.67 9.19 10.08
N ASP A 403 9.78 9.95 11.19
CA ASP A 403 8.61 10.53 11.83
C ASP A 403 8.26 11.90 11.27
N SER A 404 9.27 12.67 10.88
CA SER A 404 9.09 13.97 10.27
C SER A 404 10.34 14.27 9.48
N PHE A 405 10.27 15.28 8.62
CA PHE A 405 11.43 15.76 7.89
C PHE A 405 12.03 16.97 8.59
N LYS A 406 13.34 16.99 8.76
CA LYS A 406 13.99 18.24 9.12
C LYS A 406 14.06 19.13 7.89
N VAL A 407 13.91 20.43 8.09
CA VAL A 407 13.99 21.38 6.99
C VAL A 407 15.45 21.70 6.71
N LYS A 408 15.85 21.62 5.45
CA LYS A 408 17.20 22.01 5.05
C LYS A 408 17.36 23.52 5.18
N GLN A 409 18.45 23.96 5.82
CA GLN A 409 18.56 25.39 6.11
C GLN A 409 18.94 26.21 4.87
N LYS A 410 19.78 25.66 4.00
CA LYS A 410 20.05 26.24 2.69
C LYS A 410 19.76 25.20 1.62
N PHE A 411 18.95 25.57 0.63
CA PHE A 411 18.39 24.59 -0.31
C PHE A 411 19.50 23.84 -1.05
N PHE A 412 20.57 24.54 -1.43
CA PHE A 412 21.67 23.96 -2.20
C PHE A 412 22.90 23.66 -1.34
N ALA A 413 22.72 23.45 -0.04
CA ALA A 413 23.81 23.16 0.89
C ALA A 413 23.81 21.68 1.27
N GLY A 414 24.77 21.30 2.09
CA GLY A 414 24.93 19.92 2.53
C GLY A 414 24.46 19.67 3.95
N PRO A 418 23.17 15.31 7.41
CA PRO A 418 22.40 14.11 7.05
C PRO A 418 21.45 14.36 5.89
N MET A 419 21.52 13.54 4.84
CA MET A 419 20.69 13.73 3.66
C MET A 419 19.20 13.53 3.91
N ALA A 420 18.78 13.24 5.16
CA ALA A 420 17.37 13.10 5.52
C ALA A 420 16.70 14.43 5.88
N THR A 421 17.18 15.54 5.33
CA THR A 421 16.57 16.85 5.55
C THR A 421 15.98 17.34 4.24
N PHE A 422 14.77 17.89 4.32
CA PHE A 422 14.04 18.09 3.07
C PHE A 422 14.31 19.47 2.48
N PRO A 423 14.59 19.57 1.18
CA PRO A 423 14.93 20.87 0.60
C PRO A 423 13.70 21.70 0.27
N VAL A 424 13.25 22.50 1.23
CA VAL A 424 12.18 23.45 1.00
C VAL A 424 12.72 24.65 0.23
N PRO A 425 12.10 25.04 -0.89
CA PRO A 425 12.72 26.01 -1.80
C PRO A 425 12.53 27.49 -1.47
N TYR A 426 11.70 27.84 -0.48
CA TYR A 426 11.51 29.24 -0.09
C TYR A 426 11.65 29.37 1.42
N ASP A 427 11.74 30.62 1.85
CA ASP A 427 12.06 30.95 3.23
C ASP A 427 10.89 30.69 4.17
N LEU A 428 11.21 30.20 5.37
CA LEU A 428 10.30 30.07 6.49
C LEU A 428 10.83 30.85 7.69
N PRO A 429 9.96 31.45 8.50
CA PRO A 429 8.51 31.47 8.29
C PRO A 429 8.19 32.43 7.15
N PRO A 430 7.05 32.27 6.49
CA PRO A 430 6.68 33.22 5.45
C PRO A 430 6.33 34.58 6.05
N GLU A 431 6.57 35.63 5.27
CA GLU A 431 6.43 37.00 5.75
C GLU A 431 5.09 37.59 5.28
N LEU A 432 4.28 38.04 6.22
CA LEU A 432 2.96 38.59 5.90
C LEU A 432 3.10 39.85 5.03
N TYR A 433 2.11 40.08 4.17
CA TYR A 433 2.09 41.31 3.40
C TYR A 433 2.14 42.49 4.36
N GLY A 434 2.91 43.51 4.00
CA GLY A 434 2.84 44.78 4.69
C GLY A 434 1.58 45.55 4.32
N SER A 435 1.32 46.62 5.07
CA SER A 435 0.06 47.34 4.92
C SER A 435 -0.06 47.97 3.54
N LYS A 436 1.06 48.30 2.90
CA LYS A 436 1.04 48.87 1.56
C LYS A 436 1.12 47.81 0.47
N ASP A 437 1.26 46.55 0.82
CA ASP A 437 1.40 45.51 -0.21
C ASP A 437 0.04 45.13 -0.78
N ARG A 438 0.04 44.69 -2.03
CA ARG A 438 -1.17 44.23 -2.69
C ARG A 438 -0.84 42.96 -3.45
N PRO A 439 -1.79 42.04 -3.57
CA PRO A 439 -1.52 40.85 -4.38
C PRO A 439 -1.38 41.23 -5.83
N TRP A 440 -0.48 40.55 -6.53
CA TRP A 440 -0.37 40.75 -7.96
C TRP A 440 -1.69 40.40 -8.65
N ILE A 441 -2.22 41.34 -9.41
CA ILE A 441 -3.46 41.17 -10.17
C ILE A 441 -3.12 41.53 -11.60
N TRP A 442 -3.27 40.57 -12.53
CA TRP A 442 -2.58 40.72 -13.81
C TRP A 442 -3.29 41.64 -14.80
N ASN A 443 -4.58 41.95 -14.61
CA ASN A 443 -5.30 42.73 -15.62
C ASN A 443 -5.70 44.13 -15.13
N ILE A 444 -4.88 44.74 -14.28
CA ILE A 444 -4.98 46.17 -13.99
C ILE A 444 -3.60 46.79 -14.22
N PRO A 445 -3.53 48.11 -14.44
CA PRO A 445 -2.23 48.72 -14.74
C PRO A 445 -1.43 49.07 -13.49
N TYR A 446 -0.10 49.02 -13.65
CA TYR A 446 0.84 49.48 -12.62
C TYR A 446 1.76 50.50 -13.27
N VAL A 447 1.59 51.77 -12.93
CA VAL A 447 2.26 52.85 -13.63
C VAL A 447 2.97 53.77 -12.65
N LYS A 448 2.97 53.41 -11.36
CA LYS A 448 3.57 54.27 -10.34
C LYS A 448 5.09 54.11 -10.26
N ALA A 449 5.62 52.92 -10.48
CA ALA A 449 7.04 52.69 -10.40
C ALA A 449 7.47 51.66 -11.44
N PRO A 450 8.58 51.88 -12.11
CA PRO A 450 8.99 50.98 -13.20
C PRO A 450 9.62 49.70 -12.68
N ASP A 451 9.67 48.68 -13.55
CA ASP A 451 10.21 47.38 -13.17
C ASP A 451 11.70 47.32 -13.49
N THR A 452 12.29 46.14 -13.37
CA THR A 452 13.73 46.02 -13.50
C THR A 452 14.22 46.26 -14.92
N HIS A 453 13.33 46.31 -15.91
CA HIS A 453 13.68 46.63 -17.28
C HIS A 453 13.29 48.05 -17.68
N GLY A 454 12.81 48.85 -16.73
CA GLY A 454 12.44 50.22 -17.00
C GLY A 454 11.02 50.46 -17.45
N ASN A 455 10.16 49.44 -17.41
CA ASN A 455 8.82 49.51 -17.98
C ASN A 455 7.72 49.55 -16.94
N MET A 456 6.56 50.05 -17.34
CA MET A 456 5.33 49.94 -16.58
C MET A 456 4.53 48.74 -17.09
N TRP A 457 3.36 48.52 -16.50
CA TRP A 457 2.45 47.42 -16.87
C TRP A 457 1.13 48.04 -17.27
N VAL A 458 0.79 47.94 -18.56
CA VAL A 458 -0.46 48.52 -19.05
C VAL A 458 -1.20 47.45 -19.81
N PRO A 459 -2.13 46.73 -19.17
CA PRO A 459 -2.87 45.63 -19.80
C PRO A 459 -3.63 46.07 -21.05
N ASN B 14 9.61 -21.65 -7.90
CA ASN B 14 8.31 -21.12 -7.51
C ASN B 14 8.45 -19.77 -6.83
N PRO B 15 7.46 -18.89 -7.04
CA PRO B 15 7.48 -17.60 -6.35
C PRO B 15 6.74 -17.62 -5.03
N PHE B 16 5.93 -18.64 -4.79
CA PHE B 16 4.97 -18.52 -3.71
C PHE B 16 5.56 -18.90 -2.36
N GLN B 17 6.59 -19.74 -2.34
CA GLN B 17 7.24 -20.17 -1.09
C GLN B 17 6.24 -20.74 -0.10
N PHE B 18 5.29 -21.50 -0.63
CA PHE B 18 4.32 -22.23 0.17
C PHE B 18 4.71 -23.71 0.17
N TYR B 19 4.91 -24.28 1.36
CA TYR B 19 5.42 -25.64 1.49
C TYR B 19 4.49 -26.47 2.35
N LEU B 20 4.56 -27.79 2.16
CA LEU B 20 3.99 -28.72 3.12
C LEU B 20 5.09 -29.30 4.00
N THR B 21 4.70 -29.74 5.19
CA THR B 21 5.65 -30.47 6.02
C THR B 21 5.86 -31.88 5.48
N ARG B 22 7.02 -32.44 5.80
CA ARG B 22 7.33 -33.82 5.43
C ARG B 22 6.41 -34.79 6.17
N VAL B 23 6.00 -35.86 5.48
CA VAL B 23 5.14 -36.88 6.05
C VAL B 23 5.89 -38.22 6.03
N SER B 24 6.01 -38.85 7.19
CA SER B 24 6.61 -40.18 7.29
C SER B 24 5.64 -41.23 6.79
N GLY B 25 6.11 -42.09 5.91
CA GLY B 25 5.30 -43.20 5.46
C GLY B 25 4.56 -42.98 4.16
N VAL B 26 4.86 -41.92 3.43
CA VAL B 26 4.48 -41.83 2.03
C VAL B 26 5.74 -41.97 1.20
N LYS B 27 5.56 -42.24 -0.09
CA LYS B 27 6.68 -42.40 -0.99
C LYS B 27 7.53 -41.12 -1.05
N PRO B 28 8.85 -41.24 -1.25
CA PRO B 28 9.72 -40.05 -1.25
C PRO B 28 9.31 -38.98 -2.25
N LYS B 29 8.71 -39.37 -3.38
CA LYS B 29 8.28 -38.40 -4.38
C LYS B 29 7.31 -37.38 -3.82
N TYR B 30 6.56 -37.75 -2.77
CA TYR B 30 5.63 -36.83 -2.13
C TYR B 30 6.26 -36.01 -1.01
N ASN B 31 7.58 -36.12 -0.79
CA ASN B 31 8.29 -35.28 0.15
C ASN B 31 9.37 -34.44 -0.49
N SER B 32 9.62 -34.57 -1.81
CA SER B 32 10.77 -33.90 -2.40
C SER B 32 10.68 -32.38 -2.27
N GLY B 33 9.50 -31.82 -2.42
CA GLY B 33 9.39 -30.40 -2.15
C GLY B 33 8.93 -30.01 -0.75
N ALA B 34 8.93 -30.93 0.22
CA ALA B 34 8.39 -30.65 1.55
C ALA B 34 9.52 -30.26 2.52
N LEU B 35 9.12 -29.76 3.69
CA LEU B 35 10.07 -29.22 4.66
C LEU B 35 9.85 -29.82 6.04
N HIS B 36 10.92 -30.29 6.66
CA HIS B 36 10.90 -30.65 8.07
C HIS B 36 11.41 -29.46 8.89
N ILE B 37 11.05 -29.43 10.18
CA ILE B 37 11.47 -28.32 11.02
C ILE B 37 12.99 -28.24 11.08
N LYS B 38 13.68 -29.38 10.99
CA LYS B 38 15.13 -29.37 10.94
C LYS B 38 15.64 -28.68 9.68
N ASP B 39 14.92 -28.83 8.56
CA ASP B 39 15.32 -28.13 7.34
C ASP B 39 15.22 -26.62 7.53
N ILE B 40 14.18 -26.17 8.21
CA ILE B 40 13.96 -24.74 8.37
C ILE B 40 15.08 -24.12 9.21
N LEU B 41 15.51 -24.82 10.26
CA LEU B 41 16.50 -24.28 11.18
C LEU B 41 17.94 -24.59 10.79
N SER B 42 18.15 -25.24 9.65
CA SER B 42 19.48 -25.66 9.22
C SER B 42 20.36 -24.46 8.86
N PRO B 43 21.69 -24.61 8.99
N PRO B 43 21.69 -24.60 9.01
CA PRO B 43 22.59 -23.49 8.67
CA PRO B 43 22.59 -23.49 8.69
C PRO B 43 22.60 -23.10 7.21
C PRO B 43 22.59 -23.10 7.21
N LEU B 44 22.00 -23.91 6.33
CA LEU B 44 21.87 -23.52 4.94
C LEU B 44 20.92 -22.34 4.78
N PHE B 45 20.09 -22.07 5.77
CA PHE B 45 19.15 -20.96 5.72
C PHE B 45 19.67 -19.68 6.38
N GLY B 46 20.79 -19.75 7.08
CA GLY B 46 21.40 -18.60 7.72
C GLY B 46 22.12 -19.01 8.99
N THR B 47 22.99 -18.13 9.48
CA THR B 47 23.74 -18.36 10.72
C THR B 47 22.96 -17.76 11.88
N LEU B 48 22.27 -18.62 12.63
CA LEU B 48 21.33 -18.16 13.63
C LEU B 48 22.00 -17.32 14.72
N VAL B 49 21.30 -16.28 15.17
CA VAL B 49 21.71 -15.44 16.28
C VAL B 49 20.69 -15.45 17.40
N SER B 50 19.41 -15.37 17.06
N SER B 50 19.41 -15.38 17.05
CA SER B 50 18.34 -15.50 18.03
CA SER B 50 18.31 -15.42 18.01
C SER B 50 17.08 -15.89 17.28
C SER B 50 17.07 -15.90 17.27
N SER B 51 16.08 -16.37 18.03
CA SER B 51 14.84 -16.80 17.41
C SER B 51 13.69 -16.60 18.38
N ALA B 52 12.51 -16.40 17.82
CA ALA B 52 11.28 -16.38 18.59
C ALA B 52 10.36 -17.43 18.00
N GLN B 53 9.71 -18.20 18.88
CA GLN B 53 8.78 -19.24 18.48
C GLN B 53 7.41 -18.90 19.06
N PHE B 54 6.48 -18.48 18.21
CA PHE B 54 5.09 -18.30 18.62
C PHE B 54 4.37 -19.61 18.40
N ASN B 55 3.64 -20.10 19.39
CA ASN B 55 2.90 -21.33 19.16
C ASN B 55 1.86 -21.52 20.25
N TYR B 56 1.12 -22.61 20.12
CA TYR B 56 0.12 -23.01 21.10
C TYR B 56 0.69 -24.06 22.06
N CYS B 57 1.18 -25.17 21.51
CA CYS B 57 1.69 -26.28 22.30
C CYS B 57 3.19 -26.45 22.05
N PHE B 58 3.96 -26.63 23.12
CA PHE B 58 5.41 -26.74 23.03
C PHE B 58 5.89 -28.02 23.71
N ASP B 59 6.83 -28.72 23.07
CA ASP B 59 7.66 -29.75 23.70
C ASP B 59 9.09 -29.23 23.65
N VAL B 60 9.55 -28.63 24.76
CA VAL B 60 10.79 -27.87 24.73
C VAL B 60 11.99 -28.77 24.48
N ASP B 61 12.02 -29.94 25.12
N ASP B 61 12.02 -29.96 25.09
CA ASP B 61 13.10 -30.90 24.87
CA ASP B 61 13.14 -30.87 24.85
C ASP B 61 13.19 -31.24 23.39
C ASP B 61 13.21 -31.26 23.38
N TRP B 62 12.07 -31.64 22.80
CA TRP B 62 12.05 -31.94 21.36
C TRP B 62 12.44 -30.72 20.54
N LEU B 63 11.92 -29.55 20.90
CA LEU B 63 12.16 -28.34 20.11
C LEU B 63 13.65 -28.02 20.02
N VAL B 64 14.36 -28.09 21.15
CA VAL B 64 15.77 -27.71 21.14
C VAL B 64 16.58 -28.65 20.26
N LYS B 65 16.29 -29.95 20.30
CA LYS B 65 17.01 -30.90 19.45
C LYS B 65 16.72 -30.69 17.96
N GLN B 66 15.64 -29.98 17.62
CA GLN B 66 15.42 -29.64 16.23
C GLN B 66 16.39 -28.56 15.75
N TYR B 67 16.87 -27.69 16.64
CA TYR B 67 17.91 -26.75 16.24
C TYR B 67 19.22 -27.50 16.02
N PRO B 68 20.04 -27.07 15.07
CA PRO B 68 21.32 -27.73 14.87
C PRO B 68 22.18 -27.60 16.10
N PRO B 69 23.13 -28.54 16.31
CA PRO B 69 23.97 -28.47 17.52
C PRO B 69 24.62 -27.12 17.75
N GLU B 70 25.21 -26.52 16.71
CA GLU B 70 25.92 -25.25 16.86
C GLU B 70 25.01 -24.10 17.27
N PHE B 71 23.69 -24.21 17.09
CA PHE B 71 22.77 -23.12 17.39
C PHE B 71 21.96 -23.34 18.66
N ARG B 72 22.12 -24.49 19.32
CA ARG B 72 21.21 -24.86 20.39
C ARG B 72 21.33 -23.96 21.61
N LYS B 73 22.41 -23.18 21.73
CA LYS B 73 22.56 -22.31 22.88
C LYS B 73 22.18 -20.85 22.59
N LYS B 74 21.83 -20.52 21.34
CA LYS B 74 21.36 -19.18 21.02
C LYS B 74 20.03 -18.90 21.73
N PRO B 75 19.74 -17.62 22.02
CA PRO B 75 18.52 -17.32 22.79
C PRO B 75 17.26 -17.64 22.01
N ILE B 76 16.24 -18.08 22.74
CA ILE B 76 14.97 -18.50 22.15
C ILE B 76 13.86 -17.94 23.02
N LEU B 77 12.92 -17.26 22.38
CA LEU B 77 11.75 -16.73 23.07
C LEU B 77 10.54 -17.55 22.67
N LEU B 78 9.86 -18.12 23.67
CA LEU B 78 8.62 -18.85 23.47
C LEU B 78 7.46 -17.91 23.78
N VAL B 79 6.63 -17.64 22.79
CA VAL B 79 5.44 -16.84 22.96
C VAL B 79 4.26 -17.79 23.04
N HIS B 80 3.59 -17.82 24.19
CA HIS B 80 2.54 -18.81 24.47
C HIS B 80 1.36 -18.11 25.12
N GLY B 81 0.26 -18.84 25.30
CA GLY B 81 -0.93 -18.27 25.92
C GLY B 81 -1.36 -18.94 27.22
N ASP B 82 -0.48 -19.73 27.81
CA ASP B 82 -0.87 -20.61 28.91
C ASP B 82 -0.97 -19.86 30.24
N LYS B 83 -1.87 -20.35 31.11
CA LYS B 83 -2.12 -19.77 32.42
C LYS B 83 -2.07 -20.84 33.51
N ARG B 84 -1.84 -20.38 34.75
CA ARG B 84 -1.98 -21.20 35.97
C ARG B 84 -1.01 -22.37 35.91
N GLU B 85 -1.45 -23.61 36.14
CA GLU B 85 -0.52 -24.74 36.19
C GLU B 85 0.04 -25.08 34.81
N ALA B 86 -0.77 -24.91 33.76
CA ALA B 86 -0.24 -25.03 32.39
C ALA B 86 0.97 -24.13 32.22
N LYS B 87 0.85 -22.88 32.65
CA LYS B 87 1.97 -21.94 32.57
C LYS B 87 3.17 -22.42 33.37
N ALA B 88 2.92 -22.87 34.62
CA ALA B 88 4.00 -23.40 35.44
C ALA B 88 4.66 -24.59 34.77
N HIS B 89 3.85 -25.49 34.20
CA HIS B 89 4.42 -26.65 33.52
C HIS B 89 5.35 -26.24 32.38
N LEU B 90 4.97 -25.20 31.63
CA LEU B 90 5.84 -24.76 30.53
C LEU B 90 7.15 -24.20 31.07
N HIS B 91 7.09 -23.38 32.13
CA HIS B 91 8.31 -22.88 32.76
C HIS B 91 9.18 -24.04 33.25
N ALA B 92 8.54 -25.06 33.84
CA ALA B 92 9.27 -26.26 34.24
C ALA B 92 10.03 -26.86 33.05
N GLN B 93 9.35 -27.01 31.92
CA GLN B 93 10.02 -27.54 30.73
C GLN B 93 11.23 -26.70 30.35
N ALA B 94 11.09 -25.37 30.43
CA ALA B 94 12.13 -24.46 29.96
C ALA B 94 13.29 -24.31 30.94
N LYS B 95 13.06 -24.59 32.23
CA LYS B 95 14.08 -24.36 33.24
C LYS B 95 15.46 -24.96 32.93
N PRO B 96 15.58 -26.19 32.40
CA PRO B 96 16.92 -26.71 32.09
C PRO B 96 17.74 -25.91 31.10
N TYR B 97 17.12 -25.10 30.22
CA TYR B 97 17.83 -24.39 29.15
C TYR B 97 17.89 -22.90 29.51
N GLU B 98 19.08 -22.42 29.84
CA GLU B 98 19.27 -21.04 30.31
C GLU B 98 19.06 -20.01 29.22
N ASN B 99 19.05 -20.41 27.95
CA ASN B 99 18.88 -19.48 26.83
C ASN B 99 17.42 -19.26 26.45
N ILE B 100 16.48 -19.90 27.13
CA ILE B 100 15.09 -19.89 26.71
C ILE B 100 14.33 -18.96 27.62
N SER B 101 13.74 -17.92 27.02
CA SER B 101 12.87 -16.99 27.70
C SER B 101 11.44 -17.20 27.24
N LEU B 102 10.51 -16.78 28.09
CA LEU B 102 9.09 -17.01 27.86
C LEU B 102 8.33 -15.68 27.87
N CYS B 103 7.26 -15.63 27.09
CA CYS B 103 6.41 -14.45 26.98
C CYS B 103 4.97 -14.91 26.97
N GLN B 104 4.22 -14.58 28.00
CA GLN B 104 2.83 -14.99 28.13
C GLN B 104 1.95 -13.96 27.42
N ALA B 105 1.39 -14.35 26.28
CA ALA B 105 0.46 -13.50 25.58
C ALA B 105 -0.76 -13.25 26.44
N LYS B 106 -1.10 -11.98 26.66
CA LYS B 106 -2.25 -11.67 27.50
C LYS B 106 -3.51 -12.11 26.81
N LEU B 107 -4.40 -12.76 27.56
CA LEU B 107 -5.65 -13.30 27.04
C LEU B 107 -6.79 -12.82 27.93
N ASP B 108 -7.11 -11.54 27.79
CA ASP B 108 -8.03 -10.88 28.69
C ASP B 108 -9.47 -10.95 28.22
N ILE B 109 -9.80 -11.92 27.37
CA ILE B 109 -11.17 -12.22 27.00
C ILE B 109 -11.40 -13.70 27.26
N ALA B 110 -12.57 -14.03 27.81
CA ALA B 110 -12.83 -15.41 28.23
C ALA B 110 -12.79 -16.34 27.03
N PHE B 111 -12.29 -17.56 27.26
CA PHE B 111 -12.24 -18.63 26.27
C PHE B 111 -11.35 -18.28 25.09
N GLY B 112 -10.34 -17.45 25.31
CA GLY B 112 -9.40 -17.08 24.28
C GLY B 112 -8.10 -17.86 24.37
N THR B 113 -7.47 -18.08 23.21
CA THR B 113 -6.27 -18.88 23.14
C THR B 113 -5.27 -18.23 22.21
N HIS B 114 -4.01 -18.64 22.32
CA HIS B 114 -2.94 -18.15 21.46
C HIS B 114 -2.64 -19.24 20.44
N HIS B 115 -3.17 -19.10 19.23
CA HIS B 115 -3.04 -20.10 18.19
C HIS B 115 -1.99 -19.74 17.14
N THR B 116 -1.52 -18.50 17.12
CA THR B 116 -0.52 -18.07 16.14
C THR B 116 0.70 -18.97 16.15
N LYS B 117 1.11 -19.40 14.95
CA LYS B 117 2.29 -20.24 14.76
C LYS B 117 3.24 -19.53 13.81
N MET B 118 4.36 -19.09 14.35
CA MET B 118 5.27 -18.22 13.63
C MET B 118 6.66 -18.41 14.18
N MET B 119 7.65 -18.35 13.31
CA MET B 119 9.04 -18.27 13.74
C MET B 119 9.62 -16.95 13.28
N LEU B 120 10.29 -16.22 14.18
CA LEU B 120 11.16 -15.14 13.77
C LEU B 120 12.61 -15.59 13.93
N LEU B 121 13.37 -15.55 12.85
CA LEU B 121 14.73 -16.08 12.83
C LEU B 121 15.67 -14.96 12.47
N LEU B 122 16.47 -14.51 13.45
CA LEU B 122 17.48 -13.49 13.20
C LEU B 122 18.83 -14.16 12.92
N TYR B 123 19.41 -13.86 11.77
CA TYR B 123 20.72 -14.37 11.36
C TYR B 123 21.76 -13.25 11.34
N GLU B 124 23.01 -13.66 11.16
CA GLU B 124 24.07 -12.71 10.84
C GLU B 124 23.83 -12.05 9.49
N GLU B 125 23.18 -12.76 8.57
CA GLU B 125 22.97 -12.30 7.21
C GLU B 125 21.66 -11.56 7.01
N GLY B 126 20.76 -11.56 7.99
CA GLY B 126 19.47 -10.94 7.77
C GLY B 126 18.43 -11.51 8.72
N LEU B 127 17.17 -11.45 8.27
CA LEU B 127 16.04 -11.87 9.10
C LEU B 127 15.11 -12.71 8.24
N ARG B 128 14.50 -13.74 8.85
CA ARG B 128 13.49 -14.54 8.17
C ARG B 128 12.26 -14.68 9.05
N VAL B 129 11.10 -14.74 8.41
CA VAL B 129 9.82 -14.93 9.06
C VAL B 129 9.19 -16.20 8.49
N VAL B 130 8.77 -17.10 9.36
CA VAL B 130 8.08 -18.33 8.97
C VAL B 130 6.70 -18.29 9.58
N ILE B 131 5.66 -18.42 8.76
CA ILE B 131 4.30 -18.51 9.27
C ILE B 131 3.77 -19.88 8.88
N HIS B 132 3.31 -20.65 9.86
CA HIS B 132 3.03 -22.05 9.57
C HIS B 132 1.84 -22.52 10.38
N THR B 133 1.56 -23.82 10.37
CA THR B 133 0.37 -24.33 11.02
C THR B 133 0.64 -25.38 12.11
N SER B 134 1.89 -25.74 12.37
CA SER B 134 2.23 -26.87 13.24
C SER B 134 2.51 -26.44 14.68
N ASN B 135 2.06 -27.26 15.62
CA ASN B 135 2.53 -27.16 17.00
C ASN B 135 3.98 -27.63 17.10
N LEU B 136 4.67 -27.22 18.15
CA LEU B 136 6.07 -27.57 18.30
C LEU B 136 6.21 -28.84 19.13
N ILE B 137 5.65 -29.93 18.57
CA ILE B 137 5.69 -31.26 19.14
C ILE B 137 5.91 -32.26 18.01
N HIS B 138 6.51 -33.40 18.35
CA HIS B 138 6.86 -34.40 17.33
C HIS B 138 5.66 -34.80 16.48
N ALA B 139 4.50 -35.03 17.09
CA ALA B 139 3.38 -35.59 16.35
C ALA B 139 2.88 -34.65 15.25
N ASP B 140 3.07 -33.35 15.40
CA ASP B 140 2.52 -32.42 14.42
C ASP B 140 3.36 -32.35 13.16
N TRP B 141 4.61 -32.82 13.21
CA TRP B 141 5.48 -32.85 12.05
C TRP B 141 5.69 -34.27 11.52
N HIS B 142 4.91 -35.24 11.97
CA HIS B 142 5.17 -36.63 11.63
C HIS B 142 4.33 -37.10 10.44
N GLN B 143 3.01 -37.22 10.64
CA GLN B 143 2.13 -37.76 9.61
C GLN B 143 0.90 -36.89 9.40
N LYS B 144 1.03 -35.56 9.55
CA LYS B 144 -0.06 -34.64 9.28
C LYS B 144 0.22 -33.81 8.04
N THR B 145 -0.85 -33.30 7.43
CA THR B 145 -0.72 -32.28 6.41
C THR B 145 -0.68 -30.93 7.11
N GLN B 146 0.46 -30.25 7.01
CA GLN B 146 0.66 -28.93 7.58
C GLN B 146 1.19 -28.00 6.50
N GLY B 147 1.01 -26.70 6.71
CA GLY B 147 1.41 -25.70 5.74
C GLY B 147 2.42 -24.73 6.31
N ILE B 148 3.32 -24.25 5.44
CA ILE B 148 4.43 -23.38 5.80
C ILE B 148 4.59 -22.31 4.73
N TRP B 149 4.70 -21.06 5.15
CA TRP B 149 5.15 -19.98 4.28
C TRP B 149 6.52 -19.50 4.74
N LEU B 150 7.47 -19.46 3.82
CA LEU B 150 8.83 -18.98 4.12
C LEU B 150 9.03 -17.61 3.50
N SER B 151 9.34 -16.61 4.33
CA SER B 151 9.73 -15.31 3.82
C SER B 151 11.07 -15.41 3.11
N PRO B 152 11.39 -14.44 2.25
CA PRO B 152 12.78 -14.30 1.77
C PRO B 152 13.70 -13.96 2.94
N LEU B 153 15.00 -14.06 2.65
CA LEU B 153 16.00 -13.52 3.56
C LEU B 153 15.98 -12.01 3.46
N TYR B 154 15.60 -11.35 4.54
CA TYR B 154 15.47 -9.89 4.52
C TYR B 154 16.78 -9.28 4.95
N PRO B 155 17.44 -8.48 4.10
CA PRO B 155 18.72 -7.87 4.51
C PRO B 155 18.53 -6.77 5.55
N ARG B 156 19.62 -6.44 6.23
CA ARG B 156 19.59 -5.32 7.16
C ARG B 156 19.67 -4.01 6.37
N ILE B 157 18.96 -3.00 6.85
CA ILE B 157 19.09 -1.69 6.22
C ILE B 157 20.42 -1.09 6.65
N ALA B 158 21.20 -0.61 5.68
CA ALA B 158 22.50 -0.03 5.97
C ALA B 158 22.39 1.07 7.01
N ASP B 159 23.22 1.00 8.04
CA ASP B 159 23.21 1.99 9.10
C ASP B 159 23.51 3.37 8.54
N GLY B 160 22.86 4.39 9.12
CA GLY B 160 22.97 5.74 8.61
C GLY B 160 22.15 6.04 7.37
N THR B 161 21.39 5.08 6.87
CA THR B 161 20.51 5.29 5.72
C THR B 161 19.06 5.16 6.15
N HIS B 162 18.20 5.98 5.55
CA HIS B 162 16.79 6.09 5.93
C HIS B 162 15.93 5.59 4.78
N LYS B 163 15.34 4.41 4.95
CA LYS B 163 14.35 3.90 4.02
C LYS B 163 13.31 3.13 4.81
N SER B 164 12.13 2.94 4.22
CA SER B 164 11.04 2.31 4.95
C SER B 164 11.28 0.81 5.12
N GLY B 165 11.91 0.18 4.12
CA GLY B 165 11.92 -1.28 4.09
C GLY B 165 10.56 -1.91 3.91
N GLU B 166 9.60 -1.17 3.36
CA GLU B 166 8.21 -1.63 3.30
C GLU B 166 7.92 -2.28 1.94
N SER B 167 7.03 -3.30 1.95
N SER B 167 7.03 -3.29 1.94
CA SER B 167 6.63 -3.97 0.71
CA SER B 167 6.64 -3.96 0.72
C SER B 167 5.34 -3.36 0.18
C SER B 167 5.34 -3.37 0.18
N PRO B 168 5.01 -3.60 -1.09
CA PRO B 168 3.73 -3.11 -1.61
C PRO B 168 2.53 -3.75 -0.93
N THR B 169 2.70 -4.87 -0.23
CA THR B 169 1.61 -5.45 0.56
C THR B 169 1.55 -4.93 2.01
N HIS B 170 2.41 -3.98 2.39
CA HIS B 170 2.42 -3.39 3.74
C HIS B 170 2.77 -4.42 4.81
N PHE B 171 3.48 -5.48 4.41
CA PHE B 171 3.77 -6.57 5.33
C PHE B 171 4.56 -6.10 6.56
N LYS B 172 5.56 -5.24 6.34
CA LYS B 172 6.41 -4.82 7.45
C LYS B 172 5.58 -4.11 8.53
N ALA B 173 4.81 -3.09 8.13
CA ALA B 173 3.96 -2.39 9.09
C ALA B 173 2.92 -3.32 9.73
N ASP B 174 2.32 -4.22 8.95
CA ASP B 174 1.27 -5.08 9.48
C ASP B 174 1.83 -6.08 10.49
N LEU B 175 3.05 -6.57 10.26
CA LEU B 175 3.67 -7.47 11.24
C LEU B 175 4.00 -6.72 12.52
N ILE B 176 4.55 -5.51 12.40
CA ILE B 176 4.85 -4.72 13.60
C ILE B 176 3.56 -4.45 14.37
N SER B 177 2.50 -4.06 13.65
N SER B 177 2.50 -4.06 13.65
CA SER B 177 1.22 -3.80 14.33
CA SER B 177 1.22 -3.80 14.32
C SER B 177 0.71 -5.04 15.03
C SER B 177 0.70 -5.04 15.03
N TYR B 178 0.92 -6.22 14.42
CA TYR B 178 0.49 -7.45 15.06
C TYR B 178 1.25 -7.69 16.36
N LEU B 179 2.57 -7.54 16.33
CA LEU B 179 3.36 -7.74 17.53
C LEU B 179 3.08 -6.67 18.58
N MET B 180 2.71 -5.46 18.14
N MET B 180 2.71 -5.46 18.13
CA MET B 180 2.43 -4.39 19.09
CA MET B 180 2.44 -4.38 19.07
C MET B 180 1.19 -4.68 19.92
C MET B 180 1.19 -4.66 19.90
N ALA B 181 0.26 -5.46 19.38
CA ALA B 181 -0.96 -5.80 20.12
C ALA B 181 -0.69 -6.68 21.33
N TYR B 182 0.49 -7.29 21.44
CA TYR B 182 0.83 -8.06 22.65
C TYR B 182 1.16 -7.15 23.82
N ASN B 183 1.59 -5.92 23.56
CA ASN B 183 2.06 -5.02 24.61
C ASN B 183 3.07 -5.72 25.53
N ALA B 184 4.08 -6.34 24.91
CA ALA B 184 4.99 -7.21 25.63
C ALA B 184 6.42 -6.70 25.49
N PRO B 185 7.18 -6.56 26.58
CA PRO B 185 8.55 -6.06 26.45
C PRO B 185 9.46 -6.92 25.60
N SER B 186 9.34 -8.25 25.67
CA SER B 186 10.26 -9.08 24.89
C SER B 186 9.97 -8.98 23.39
N LEU B 187 8.74 -8.63 23.03
CA LEU B 187 8.40 -8.45 21.62
C LEU B 187 8.72 -7.05 21.12
N LYS B 188 8.80 -6.05 22.01
CA LYS B 188 9.30 -4.75 21.58
C LYS B 188 10.72 -4.87 21.06
N GLU B 189 11.52 -5.75 21.66
CA GLU B 189 12.85 -6.03 21.12
C GLU B 189 12.78 -6.57 19.69
N TRP B 190 11.82 -7.45 19.41
CA TRP B 190 11.74 -8.01 18.05
C TRP B 190 11.20 -6.98 17.08
N ILE B 191 10.29 -6.10 17.54
CA ILE B 191 9.82 -5.00 16.71
C ILE B 191 10.98 -4.14 16.22
N ASP B 192 11.94 -3.87 17.11
CA ASP B 192 13.10 -3.05 16.76
C ASP B 192 14.02 -3.76 15.77
N VAL B 193 14.12 -5.08 15.86
CA VAL B 193 14.85 -5.86 14.86
C VAL B 193 14.14 -5.76 13.50
N ILE B 194 12.83 -5.90 13.49
CA ILE B 194 12.11 -5.81 12.21
C ILE B 194 12.29 -4.43 11.60
N HIS B 195 12.16 -3.38 12.42
CA HIS B 195 12.39 -2.01 11.95
C HIS B 195 13.71 -1.88 11.20
N LYS B 196 14.74 -2.59 11.65
CA LYS B 196 16.07 -2.48 11.07
C LYS B 196 16.27 -3.28 9.79
N HIS B 197 15.27 -4.00 9.31
CA HIS B 197 15.43 -4.84 8.13
C HIS B 197 14.55 -4.38 6.97
N ASP B 198 14.95 -4.78 5.76
CA ASP B 198 14.28 -4.45 4.50
C ASP B 198 13.38 -5.62 4.10
N LEU B 199 12.07 -5.45 4.29
CA LEU B 199 11.07 -6.47 3.97
C LEU B 199 10.36 -6.17 2.65
N SER B 200 10.95 -5.35 1.80
CA SER B 200 10.24 -4.85 0.63
C SER B 200 9.96 -5.93 -0.41
N GLU B 201 10.65 -7.07 -0.37
CA GLU B 201 10.38 -8.11 -1.35
C GLU B 201 9.17 -8.98 -1.02
N THR B 202 8.47 -8.72 0.09
CA THR B 202 7.35 -9.57 0.50
C THR B 202 6.15 -9.37 -0.43
N ASN B 203 5.58 -10.48 -0.92
N ASN B 203 5.56 -10.47 -0.89
CA ASN B 203 4.46 -10.41 -1.85
CA ASN B 203 4.43 -10.37 -1.80
C ASN B 203 3.15 -10.95 -1.25
C ASN B 203 3.18 -11.06 -1.27
N VAL B 204 3.12 -11.31 0.03
CA VAL B 204 1.91 -11.80 0.67
C VAL B 204 1.38 -10.71 1.60
N TYR B 205 0.07 -10.78 1.88
CA TYR B 205 -0.57 -9.94 2.89
C TYR B 205 -0.69 -10.69 4.20
N LEU B 206 -0.44 -9.99 5.31
CA LEU B 206 -0.62 -10.56 6.63
C LEU B 206 -2.07 -10.44 7.08
N ILE B 207 -2.65 -11.52 7.59
CA ILE B 207 -4.01 -11.47 8.13
C ILE B 207 -3.95 -12.00 9.56
N GLY B 208 -4.07 -11.10 10.53
CA GLY B 208 -4.00 -11.51 11.91
C GLY B 208 -5.31 -11.39 12.65
N SER B 209 -5.41 -12.10 13.77
CA SER B 209 -6.44 -11.87 14.77
C SER B 209 -5.73 -11.64 16.10
N THR B 210 -6.27 -10.71 16.89
N THR B 210 -6.19 -10.64 16.86
CA THR B 210 -5.77 -10.45 18.24
CA THR B 210 -5.77 -10.43 18.24
C THR B 210 -6.99 -10.18 19.12
C THR B 210 -7.00 -10.24 19.10
N PRO B 211 -6.93 -10.54 20.40
CA PRO B 211 -8.13 -10.44 21.23
C PRO B 211 -8.53 -8.99 21.47
N GLY B 212 -9.84 -8.74 21.44
CA GLY B 212 -10.32 -7.43 21.81
C GLY B 212 -11.70 -7.18 21.23
N ARG B 213 -12.15 -5.93 21.42
N ARG B 213 -12.15 -5.94 21.42
CA ARG B 213 -13.40 -5.43 20.88
CA ARG B 213 -13.40 -5.44 20.87
C ARG B 213 -13.09 -4.20 20.04
C ARG B 213 -13.08 -4.20 20.04
N PHE B 214 -13.32 -4.29 18.74
CA PHE B 214 -12.84 -3.30 17.79
C PHE B 214 -14.00 -2.58 17.11
N GLN B 215 -13.88 -1.25 17.01
CA GLN B 215 -14.91 -0.42 16.40
C GLN B 215 -14.25 0.69 15.60
N GLY B 216 -15.00 1.23 14.65
CA GLY B 216 -14.51 2.36 13.87
C GLY B 216 -13.28 2.01 13.06
N SER B 217 -12.25 2.84 13.21
CA SER B 217 -11.03 2.71 12.41
C SER B 217 -10.19 1.49 12.79
N GLN B 218 -10.54 0.77 13.86
CA GLN B 218 -9.81 -0.43 14.21
C GLN B 218 -10.52 -1.70 13.77
N LYS B 219 -11.78 -1.61 13.36
CA LYS B 219 -12.54 -2.81 13.01
C LYS B 219 -11.94 -3.55 11.82
N ASP B 220 -11.31 -2.82 10.89
CA ASP B 220 -10.74 -3.40 9.69
C ASP B 220 -9.39 -4.07 9.93
N ASN B 221 -8.85 -4.00 11.14
CA ASN B 221 -7.48 -4.46 11.37
C ASN B 221 -7.36 -5.97 11.44
N TRP B 222 -8.42 -6.69 11.80
CA TRP B 222 -8.26 -8.06 12.27
C TRP B 222 -9.37 -8.96 11.74
N GLY B 223 -9.09 -10.27 11.75
CA GLY B 223 -10.15 -11.23 11.56
C GLY B 223 -10.77 -11.12 10.18
N HIS B 224 -12.06 -11.44 10.10
CA HIS B 224 -12.68 -11.51 8.79
C HIS B 224 -12.96 -10.13 8.22
N PHE B 225 -12.99 -9.09 9.05
CA PHE B 225 -13.03 -7.74 8.51
C PHE B 225 -11.71 -7.35 7.86
N ARG B 226 -10.58 -7.87 8.37
CA ARG B 226 -9.31 -7.64 7.71
C ARG B 226 -9.29 -8.30 6.33
N LEU B 227 -9.73 -9.56 6.26
CA LEU B 227 -9.80 -10.22 4.95
C LEU B 227 -10.73 -9.45 4.00
N LYS B 228 -11.89 -9.03 4.49
CA LYS B 228 -12.82 -8.26 3.66
C LYS B 228 -12.16 -7.02 3.07
N LYS B 229 -11.40 -6.29 3.91
CA LYS B 229 -10.78 -5.05 3.46
C LYS B 229 -9.76 -5.31 2.36
N LEU B 230 -8.94 -6.35 2.52
CA LEU B 230 -7.93 -6.66 1.50
C LEU B 230 -8.57 -7.10 0.19
N LEU B 231 -9.63 -7.89 0.27
CA LEU B 231 -10.31 -8.35 -0.94
C LEU B 231 -10.95 -7.18 -1.68
N LYS B 232 -11.52 -6.23 -0.94
CA LYS B 232 -12.13 -5.06 -1.56
C LYS B 232 -11.08 -4.17 -2.21
N ASP B 233 -9.94 -3.95 -1.55
CA ASP B 233 -8.94 -3.01 -2.05
C ASP B 233 -8.01 -3.63 -3.09
N HIS B 234 -7.80 -4.95 -3.08
CA HIS B 234 -6.72 -5.53 -3.88
C HIS B 234 -7.11 -6.72 -4.72
N ALA B 235 -8.38 -7.09 -4.76
CA ALA B 235 -8.90 -8.06 -5.70
C ALA B 235 -9.93 -7.37 -6.59
N SER B 236 -10.08 -7.88 -7.81
CA SER B 236 -11.06 -7.33 -8.74
C SER B 236 -12.18 -8.34 -8.95
N SER B 237 -13.40 -7.83 -9.06
CA SER B 237 -14.54 -8.70 -9.34
C SER B 237 -14.50 -9.12 -10.80
N MET B 238 -14.92 -10.34 -11.06
CA MET B 238 -14.99 -10.86 -12.42
C MET B 238 -16.44 -11.08 -12.83
N PRO B 239 -16.71 -11.25 -14.13
CA PRO B 239 -18.08 -11.59 -14.53
C PRO B 239 -18.45 -12.96 -13.98
N ASN B 240 -19.71 -13.08 -13.55
CA ASN B 240 -20.23 -14.34 -13.03
C ASN B 240 -19.57 -14.70 -11.70
N ALA B 241 -19.18 -13.69 -10.92
CA ALA B 241 -18.51 -13.94 -9.64
C ALA B 241 -19.38 -14.80 -8.71
N GLU B 242 -20.70 -14.70 -8.84
CA GLU B 242 -21.60 -15.48 -7.99
C GLU B 242 -21.44 -16.98 -8.20
N SER B 243 -20.79 -17.39 -9.28
CA SER B 243 -20.55 -18.80 -9.56
C SER B 243 -19.20 -19.28 -9.05
N TRP B 244 -18.35 -18.38 -8.56
CA TRP B 244 -17.06 -18.76 -8.01
C TRP B 244 -17.29 -19.21 -6.57
N PRO B 245 -17.16 -20.50 -6.27
CA PRO B 245 -17.38 -20.98 -4.89
C PRO B 245 -16.36 -20.42 -3.92
N VAL B 246 -16.70 -20.52 -2.63
CA VAL B 246 -15.78 -20.31 -1.52
C VAL B 246 -15.51 -21.66 -0.87
N VAL B 247 -14.24 -21.92 -0.57
CA VAL B 247 -13.81 -23.18 0.04
C VAL B 247 -13.12 -22.86 1.34
N GLY B 248 -13.56 -23.50 2.41
CA GLY B 248 -12.92 -23.39 3.72
C GLY B 248 -12.54 -24.78 4.17
N GLN B 249 -11.33 -24.91 4.71
CA GLN B 249 -10.72 -26.21 5.03
C GLN B 249 -10.04 -26.07 6.38
N PHE B 250 -10.45 -26.88 7.36
CA PHE B 250 -10.08 -26.59 8.74
C PHE B 250 -9.98 -27.88 9.55
N SER B 251 -9.45 -27.75 10.77
CA SER B 251 -9.27 -28.92 11.62
C SER B 251 -10.17 -28.91 12.84
N SER B 252 -10.95 -27.86 13.05
CA SER B 252 -11.98 -27.90 14.08
C SER B 252 -13.00 -26.81 13.80
N VAL B 253 -14.15 -26.92 14.44
CA VAL B 253 -15.19 -25.92 14.28
C VAL B 253 -15.74 -25.59 15.65
N GLY B 254 -16.08 -24.32 15.85
CA GLY B 254 -16.73 -23.86 17.06
C GLY B 254 -18.22 -23.84 16.91
N SER B 255 -18.89 -23.32 17.94
N SER B 255 -18.89 -23.33 17.95
CA SER B 255 -20.34 -23.18 17.91
CA SER B 255 -20.33 -23.15 17.92
C SER B 255 -20.70 -21.99 17.02
C SER B 255 -20.69 -21.99 17.01
N LEU B 256 -21.39 -22.27 15.92
CA LEU B 256 -21.72 -21.24 14.94
C LEU B 256 -23.14 -20.69 15.10
N GLY B 257 -23.99 -21.35 15.86
CA GLY B 257 -25.36 -20.90 16.07
C GLY B 257 -26.38 -21.90 15.59
N ALA B 258 -27.65 -21.49 15.71
CA ALA B 258 -28.77 -22.41 15.47
C ALA B 258 -29.09 -22.62 14.00
N ASP B 259 -28.66 -21.72 13.12
CA ASP B 259 -28.78 -21.93 11.69
C ASP B 259 -27.67 -21.13 11.00
N GLU B 260 -27.63 -21.24 9.67
CA GLU B 260 -26.54 -20.61 8.93
C GLU B 260 -26.59 -19.09 8.99
N SER B 261 -27.79 -18.53 9.19
CA SER B 261 -27.95 -17.07 9.16
C SER B 261 -27.41 -16.38 10.40
N LYS B 262 -27.05 -17.12 11.45
CA LYS B 262 -26.62 -16.45 12.67
C LYS B 262 -25.20 -15.90 12.56
N TRP B 263 -24.34 -16.52 11.75
CA TRP B 263 -22.96 -16.04 11.61
C TRP B 263 -22.32 -16.56 10.33
N LEU B 264 -22.49 -17.84 10.04
CA LEU B 264 -21.73 -18.47 8.96
C LEU B 264 -22.00 -17.80 7.63
N CYS B 265 -23.26 -17.81 7.19
CA CYS B 265 -23.60 -17.26 5.89
C CYS B 265 -23.93 -15.77 5.94
N SER B 266 -24.20 -15.23 7.14
CA SER B 266 -24.48 -13.80 7.24
C SER B 266 -23.20 -12.99 7.16
N GLU B 267 -22.35 -13.08 8.19
CA GLU B 267 -21.17 -12.22 8.22
C GLU B 267 -19.88 -12.91 7.79
N PHE B 268 -19.69 -14.20 8.08
CA PHE B 268 -18.46 -14.86 7.65
C PHE B 268 -18.40 -15.02 6.14
N LYS B 269 -19.41 -15.67 5.56
CA LYS B 269 -19.43 -15.87 4.12
C LYS B 269 -19.44 -14.54 3.37
N GLU B 270 -20.10 -13.53 3.93
CA GLU B 270 -20.13 -12.21 3.31
C GLU B 270 -18.73 -11.66 3.09
N SER B 271 -17.90 -11.70 4.13
CA SER B 271 -16.51 -11.26 3.99
C SER B 271 -15.77 -12.07 2.94
N MET B 272 -15.97 -13.39 2.94
CA MET B 272 -15.21 -14.27 2.04
C MET B 272 -15.60 -14.07 0.59
N LEU B 273 -16.83 -13.60 0.33
N LEU B 273 -16.83 -13.61 0.31
CA LEU B 273 -17.31 -13.38 -1.03
CA LEU B 273 -17.25 -13.42 -1.08
C LEU B 273 -16.81 -12.07 -1.63
C LEU B 273 -16.99 -12.01 -1.59
N THR B 274 -16.36 -11.15 -0.80
CA THR B 274 -15.99 -9.82 -1.26
C THR B 274 -14.94 -9.88 -2.37
N LEU B 275 -15.16 -9.09 -3.42
CA LEU B 275 -14.17 -8.86 -4.48
C LEU B 275 -14.39 -7.47 -5.05
N GLY B 276 -13.36 -6.63 -5.02
CA GLY B 276 -13.49 -5.31 -5.59
C GLY B 276 -14.33 -4.36 -4.76
N LYS B 277 -14.59 -3.17 -5.33
CA LYS B 277 -15.07 -2.04 -4.55
C LYS B 277 -16.53 -1.67 -4.82
N GLU B 278 -17.33 -2.60 -5.32
CA GLU B 278 -18.77 -2.41 -5.31
C GLU B 278 -19.32 -2.86 -3.95
N SER B 279 -20.40 -2.21 -3.51
CA SER B 279 -21.02 -2.52 -2.21
C SER B 279 -21.31 -4.01 -2.03
N SER B 285 -27.21 -14.42 -0.88
CA SER B 285 -26.21 -14.82 -1.88
C SER B 285 -26.30 -16.31 -2.21
N SER B 286 -26.13 -16.63 -3.49
CA SER B 286 -26.21 -18.01 -3.98
C SER B 286 -24.82 -18.58 -4.30
N VAL B 287 -23.76 -17.98 -3.77
CA VAL B 287 -22.42 -18.54 -3.96
C VAL B 287 -22.33 -19.86 -3.20
N PRO B 288 -21.84 -20.93 -3.82
CA PRO B 288 -21.69 -22.19 -3.10
C PRO B 288 -20.57 -22.10 -2.08
N LEU B 289 -20.76 -22.78 -0.95
CA LEU B 289 -19.77 -22.80 0.12
C LEU B 289 -19.42 -24.25 0.43
N TYR B 290 -18.16 -24.62 0.19
CA TYR B 290 -17.66 -25.97 0.40
C TYR B 290 -16.77 -25.97 1.64
N LEU B 291 -17.12 -26.78 2.64
CA LEU B 291 -16.32 -26.92 3.85
C LEU B 291 -15.68 -28.30 3.86
N ILE B 292 -14.36 -28.35 3.99
CA ILE B 292 -13.60 -29.59 3.96
C ILE B 292 -13.20 -29.91 5.39
N TYR B 293 -13.66 -31.06 5.90
CA TYR B 293 -13.38 -31.48 7.28
C TYR B 293 -13.40 -32.99 7.31
N PRO B 294 -12.40 -33.65 7.92
CA PRO B 294 -12.31 -35.12 7.83
C PRO B 294 -13.53 -35.82 8.41
N SER B 295 -14.01 -36.82 7.67
CA SER B 295 -15.02 -37.72 8.16
C SER B 295 -14.42 -38.72 9.14
N VAL B 296 -15.29 -39.44 9.84
CA VAL B 296 -14.82 -40.55 10.68
C VAL B 296 -14.00 -41.53 9.86
N GLU B 297 -14.49 -41.87 8.66
N GLU B 297 -14.44 -41.83 8.64
CA GLU B 297 -13.77 -42.79 7.79
CA GLU B 297 -13.72 -42.83 7.86
C GLU B 297 -12.37 -42.26 7.46
C GLU B 297 -12.39 -42.29 7.32
N ASN B 298 -12.28 -40.97 7.07
CA ASN B 298 -10.97 -40.39 6.77
C ASN B 298 -10.00 -40.62 7.92
N VAL B 299 -10.48 -40.40 9.14
CA VAL B 299 -9.64 -40.57 10.31
C VAL B 299 -9.32 -42.06 10.53
N ARG B 300 -10.34 -42.91 10.47
CA ARG B 300 -10.14 -44.34 10.74
C ARG B 300 -9.04 -44.93 9.87
N THR B 301 -9.02 -44.60 8.57
CA THR B 301 -8.04 -45.17 7.66
C THR B 301 -6.81 -44.29 7.45
N SER B 302 -6.60 -43.29 8.30
CA SER B 302 -5.45 -42.43 8.14
C SER B 302 -4.16 -43.16 8.51
N LEU B 303 -3.03 -42.52 8.22
CA LEU B 303 -1.73 -43.06 8.59
C LEU B 303 -1.63 -43.29 10.10
N GLU B 304 -2.19 -42.39 10.90
CA GLU B 304 -2.14 -42.56 12.36
C GLU B 304 -3.29 -43.36 12.91
N GLY B 305 -4.37 -43.53 12.15
CA GLY B 305 -5.59 -44.12 12.67
C GLY B 305 -6.35 -43.12 13.52
N TYR B 306 -7.15 -43.67 14.44
CA TYR B 306 -7.97 -42.81 15.30
C TYR B 306 -7.16 -41.77 16.06
N PRO B 307 -5.91 -42.03 16.51
CA PRO B 307 -5.17 -40.97 17.23
C PRO B 307 -5.00 -39.69 16.44
N ALA B 308 -5.14 -39.73 15.10
CA ALA B 308 -5.13 -38.47 14.36
C ALA B 308 -6.26 -37.56 14.82
N GLY B 309 -7.36 -38.15 15.27
CA GLY B 309 -8.48 -37.39 15.76
C GLY B 309 -8.23 -36.68 17.08
N GLY B 310 -7.12 -36.97 17.76
CA GLY B 310 -6.76 -36.17 18.92
C GLY B 310 -6.48 -34.73 18.56
N SER B 311 -6.23 -34.46 17.28
CA SER B 311 -5.91 -33.11 16.81
C SER B 311 -7.02 -32.53 15.93
N LEU B 312 -8.22 -33.11 15.99
CA LEU B 312 -9.41 -32.59 15.33
C LEU B 312 -10.50 -32.41 16.37
N PRO B 313 -10.43 -31.36 17.19
CA PRO B 313 -11.23 -31.28 18.44
C PRO B 313 -12.64 -30.72 18.24
N TYR B 314 -13.44 -31.41 17.43
CA TYR B 314 -14.87 -31.13 17.29
C TYR B 314 -15.61 -31.99 18.31
N SER B 315 -16.28 -31.34 19.26
CA SER B 315 -16.92 -32.06 20.36
C SER B 315 -18.40 -32.32 20.06
N ILE B 316 -18.94 -33.37 20.67
CA ILE B 316 -20.33 -33.73 20.44
C ILE B 316 -21.27 -32.68 20.99
N GLN B 317 -20.89 -31.99 22.07
CA GLN B 317 -21.72 -30.93 22.63
C GLN B 317 -21.93 -29.81 21.62
N THR B 318 -20.86 -29.41 20.92
CA THR B 318 -20.98 -28.41 19.87
C THR B 318 -21.72 -28.96 18.65
N ALA B 319 -21.33 -30.15 18.20
CA ALA B 319 -21.86 -30.69 16.95
C ALA B 319 -23.37 -30.87 17.00
N GLU B 320 -23.90 -31.33 18.13
CA GLU B 320 -25.32 -31.64 18.18
C GLU B 320 -26.19 -30.39 18.20
N LYS B 321 -25.61 -29.24 18.54
CA LYS B 321 -26.31 -27.96 18.46
C LYS B 321 -26.44 -27.42 17.03
N GLN B 322 -25.73 -28.00 16.06
CA GLN B 322 -25.61 -27.39 14.75
C GLN B 322 -25.50 -28.45 13.67
N ASN B 323 -26.40 -29.43 13.68
CA ASN B 323 -26.34 -30.46 12.65
C ASN B 323 -26.66 -29.93 11.26
N TRP B 324 -27.26 -28.74 11.16
CA TRP B 324 -27.43 -28.11 9.85
C TRP B 324 -26.10 -27.92 9.14
N LEU B 325 -25.03 -27.64 9.90
CA LEU B 325 -23.73 -27.35 9.30
C LEU B 325 -23.21 -28.53 8.49
N HIS B 326 -23.60 -29.74 8.85
CA HIS B 326 -22.94 -30.91 8.28
C HIS B 326 -23.33 -31.18 6.84
N SER B 327 -24.43 -30.59 6.35
N SER B 327 -24.42 -30.59 6.35
CA SER B 327 -24.75 -30.68 4.93
CA SER B 327 -24.73 -30.70 4.92
C SER B 327 -23.77 -29.91 4.06
C SER B 327 -23.76 -29.92 4.05
N TYR B 328 -22.88 -29.13 4.66
CA TYR B 328 -21.86 -28.38 3.94
C TYR B 328 -20.53 -29.12 3.84
N PHE B 329 -20.40 -30.26 4.52
CA PHE B 329 -19.11 -30.89 4.77
C PHE B 329 -18.71 -31.80 3.61
N HIS B 330 -17.43 -31.72 3.25
CA HIS B 330 -16.79 -32.51 2.20
C HIS B 330 -15.60 -33.24 2.79
N LYS B 331 -15.28 -34.38 2.19
CA LYS B 331 -14.21 -35.26 2.68
C LYS B 331 -12.84 -34.63 2.46
N TRP B 332 -11.89 -35.04 3.29
CA TRP B 332 -10.49 -34.74 3.01
C TRP B 332 -9.99 -35.69 1.94
N SER B 333 -9.42 -35.12 0.88
CA SER B 333 -8.79 -35.90 -0.18
C SER B 333 -7.63 -35.07 -0.72
N ALA B 334 -6.47 -35.71 -0.86
CA ALA B 334 -5.26 -34.98 -1.24
C ALA B 334 -4.36 -35.88 -2.10
N GLU B 335 -4.96 -36.56 -3.08
CA GLU B 335 -4.19 -37.36 -4.02
C GLU B 335 -3.13 -36.51 -4.72
N THR B 336 -3.45 -35.24 -5.01
CA THR B 336 -2.50 -34.36 -5.68
C THR B 336 -1.17 -34.26 -4.96
N SER B 337 -1.16 -34.32 -3.63
CA SER B 337 0.08 -34.26 -2.87
C SER B 337 0.38 -35.57 -2.14
N GLY B 338 -0.32 -36.66 -2.44
CA GLY B 338 -0.04 -37.92 -1.76
C GLY B 338 -0.44 -37.97 -0.31
N ARG B 339 -1.37 -37.12 0.11
CA ARG B 339 -1.63 -36.88 1.53
C ARG B 339 -3.07 -37.20 1.94
N SER B 340 -3.77 -38.01 1.15
CA SER B 340 -5.13 -38.37 1.52
C SER B 340 -5.20 -39.05 2.88
N ASN B 341 -4.13 -39.74 3.29
CA ASN B 341 -4.12 -40.40 4.58
C ASN B 341 -3.34 -39.63 5.64
N ALA B 342 -2.87 -38.41 5.32
CA ALA B 342 -2.23 -37.53 6.30
C ALA B 342 -3.24 -36.49 6.74
N MET B 343 -3.84 -36.68 7.92
CA MET B 343 -4.97 -35.83 8.32
C MET B 343 -4.54 -34.36 8.40
N PRO B 344 -5.42 -33.43 8.04
CA PRO B 344 -5.01 -32.02 7.96
C PRO B 344 -4.95 -31.39 9.34
N HIS B 345 -3.87 -30.68 9.60
CA HIS B 345 -3.83 -29.65 10.62
C HIS B 345 -3.56 -28.28 10.02
N ILE B 346 -3.29 -28.22 8.72
CA ILE B 346 -3.34 -26.96 7.98
C ILE B 346 -4.78 -26.41 7.98
N LYS B 347 -4.92 -25.08 7.90
CA LYS B 347 -6.20 -24.46 7.60
C LYS B 347 -6.03 -23.59 6.36
N THR B 348 -6.98 -23.69 5.43
CA THR B 348 -6.88 -22.90 4.21
C THR B 348 -8.26 -22.42 3.79
N TYR B 349 -8.28 -21.32 3.06
CA TYR B 349 -9.51 -20.73 2.55
C TYR B 349 -9.18 -20.20 1.17
N MET B 350 -10.11 -20.34 0.23
CA MET B 350 -9.78 -19.94 -1.14
C MET B 350 -11.04 -19.72 -1.96
N ARG B 351 -10.85 -19.15 -3.14
CA ARG B 351 -11.95 -18.73 -4.01
C ARG B 351 -11.71 -19.28 -5.41
N PRO B 352 -12.04 -20.53 -5.65
CA PRO B 352 -11.82 -21.14 -6.98
C PRO B 352 -12.86 -20.70 -8.00
N SER B 353 -12.49 -20.89 -9.26
CA SER B 353 -13.39 -20.66 -10.38
C SER B 353 -14.46 -21.77 -10.40
N PRO B 354 -15.53 -21.57 -11.18
CA PRO B 354 -16.61 -22.58 -11.17
C PRO B 354 -16.16 -23.98 -11.59
N ASP B 355 -15.13 -24.10 -12.41
CA ASP B 355 -14.60 -25.40 -12.78
C ASP B 355 -13.30 -25.76 -12.04
N PHE B 356 -12.92 -24.98 -11.04
CA PHE B 356 -11.80 -25.28 -10.13
C PHE B 356 -10.46 -25.32 -10.84
N SER B 357 -10.36 -24.70 -12.01
CA SER B 357 -9.08 -24.61 -12.71
C SER B 357 -8.27 -23.38 -12.32
N LYS B 358 -8.92 -22.35 -11.75
CA LYS B 358 -8.26 -21.12 -11.34
C LYS B 358 -8.69 -20.76 -9.93
N ILE B 359 -7.92 -19.88 -9.27
CA ILE B 359 -8.36 -19.35 -7.98
C ILE B 359 -8.12 -17.85 -7.94
N ALA B 360 -9.04 -17.12 -7.32
CA ALA B 360 -8.91 -15.67 -7.16
C ALA B 360 -8.05 -15.26 -5.97
N TRP B 361 -7.87 -16.14 -4.99
CA TRP B 361 -7.00 -15.87 -3.86
C TRP B 361 -6.88 -17.13 -3.04
N PHE B 362 -5.86 -17.16 -2.17
CA PHE B 362 -5.57 -18.32 -1.35
C PHE B 362 -5.02 -17.82 -0.01
N LEU B 363 -5.53 -18.41 1.07
CA LEU B 363 -5.15 -18.02 2.43
C LEU B 363 -4.76 -19.28 3.19
N VAL B 364 -3.60 -19.26 3.86
CA VAL B 364 -3.22 -20.31 4.78
C VAL B 364 -3.02 -19.66 6.15
N THR B 365 -3.61 -20.27 7.18
CA THR B 365 -3.72 -19.60 8.48
C THR B 365 -3.81 -20.65 9.58
N SER B 366 -3.66 -20.18 10.82
CA SER B 366 -3.98 -21.01 11.98
C SER B 366 -5.46 -20.95 12.36
N ALA B 367 -6.26 -20.09 11.71
CA ALA B 367 -7.65 -19.86 12.11
C ALA B 367 -8.57 -20.96 11.63
N ASN B 368 -9.23 -21.62 12.59
CA ASN B 368 -10.27 -22.60 12.32
C ASN B 368 -11.58 -21.90 12.01
N LEU B 369 -12.63 -22.69 11.75
CA LEU B 369 -13.95 -22.14 11.43
C LEU B 369 -14.68 -21.83 12.73
N SER B 370 -14.35 -20.69 13.32
CA SER B 370 -14.89 -20.32 14.63
C SER B 370 -15.03 -18.81 14.76
N LYS B 371 -16.04 -18.38 15.52
CA LYS B 371 -16.20 -16.96 15.83
C LYS B 371 -15.04 -16.44 16.68
N ALA B 372 -14.42 -17.29 17.49
CA ALA B 372 -13.35 -16.83 18.36
C ALA B 372 -12.13 -16.42 17.57
N ALA B 373 -11.86 -17.11 16.47
CA ALA B 373 -10.70 -16.84 15.63
C ALA B 373 -10.96 -15.70 14.65
N TRP B 374 -12.14 -15.71 14.02
CA TRP B 374 -12.43 -14.79 12.92
C TRP B 374 -13.19 -13.55 13.38
N GLY B 375 -13.75 -13.55 14.57
CA GLY B 375 -14.48 -12.40 15.07
C GLY B 375 -15.97 -12.52 14.85
N ALA B 376 -16.74 -11.95 15.77
CA ALA B 376 -18.19 -11.88 15.66
C ALA B 376 -18.65 -10.47 16.00
N LEU B 377 -19.64 -10.00 15.25
CA LEU B 377 -20.18 -8.67 15.48
C LEU B 377 -21.05 -8.63 16.73
N GLU B 378 -20.96 -7.53 17.46
CA GLU B 378 -21.79 -7.29 18.66
C GLU B 378 -22.18 -5.82 18.67
N LYS B 379 -23.02 -5.46 19.66
CA LYS B 379 -23.51 -4.09 19.82
C LYS B 379 -24.14 -3.57 18.52
N ASN B 380 -25.08 -4.35 17.99
CA ASN B 380 -25.83 -3.98 16.79
C ASN B 380 -24.90 -3.69 15.61
N GLY B 381 -23.81 -4.45 15.52
CA GLY B 381 -22.90 -4.37 14.39
C GLY B 381 -21.77 -3.36 14.53
N THR B 382 -21.64 -2.72 15.69
CA THR B 382 -20.63 -1.67 15.86
C THR B 382 -19.31 -2.17 16.39
N GLN B 383 -19.27 -3.38 16.95
CA GLN B 383 -18.08 -3.93 17.59
C GLN B 383 -17.76 -5.30 17.01
N LEU B 384 -16.49 -5.53 16.73
CA LEU B 384 -16.00 -6.85 16.35
C LEU B 384 -15.25 -7.43 17.54
N MET B 385 -15.77 -8.51 18.10
CA MET B 385 -15.14 -9.17 19.23
C MET B 385 -14.34 -10.38 18.72
N ILE B 386 -13.08 -10.44 19.12
CA ILE B 386 -12.18 -11.55 18.80
C ILE B 386 -11.59 -12.06 20.10
N ARG B 387 -11.53 -13.39 20.25
CA ARG B 387 -11.04 -13.97 21.48
C ARG B 387 -9.59 -14.41 21.43
N SER B 388 -9.03 -14.67 20.25
CA SER B 388 -7.80 -15.43 20.14
C SER B 388 -6.77 -14.74 19.25
N TYR B 389 -5.51 -15.12 19.43
CA TYR B 389 -4.45 -14.77 18.50
C TYR B 389 -4.43 -15.78 17.36
N GLU B 390 -4.42 -15.28 16.13
CA GLU B 390 -4.33 -16.12 14.94
C GLU B 390 -3.48 -15.39 13.91
N LEU B 391 -2.90 -16.14 12.97
CA LEU B 391 -2.09 -15.47 11.95
C LEU B 391 -2.09 -16.32 10.68
N GLY B 392 -2.19 -15.66 9.52
CA GLY B 392 -2.13 -16.34 8.23
C GLY B 392 -1.62 -15.38 7.17
N VAL B 393 -1.37 -15.92 5.98
CA VAL B 393 -0.86 -15.10 4.88
C VAL B 393 -1.77 -15.29 3.69
N LEU B 394 -2.07 -14.18 3.01
CA LEU B 394 -2.97 -14.17 1.87
C LEU B 394 -2.19 -13.96 0.57
N PHE B 395 -2.43 -14.84 -0.39
CA PHE B 395 -1.88 -14.79 -1.74
C PHE B 395 -2.93 -14.16 -2.63
N LEU B 396 -2.64 -12.98 -3.18
CA LEU B 396 -3.53 -12.29 -4.11
C LEU B 396 -2.86 -12.21 -5.48
N PRO B 397 -3.58 -12.52 -6.57
CA PRO B 397 -2.95 -12.47 -7.89
C PRO B 397 -2.33 -11.12 -8.23
N SER B 398 -2.98 -10.03 -7.83
CA SER B 398 -2.46 -8.69 -8.13
C SER B 398 -1.07 -8.48 -7.55
N ALA B 399 -0.77 -9.07 -6.40
CA ALA B 399 0.54 -8.90 -5.77
C ALA B 399 1.63 -9.60 -6.56
N PHE B 400 1.25 -10.45 -7.51
CA PHE B 400 2.17 -11.17 -8.38
C PHE B 400 2.03 -10.73 -9.84
N GLY B 401 1.32 -9.64 -10.08
CA GLY B 401 1.12 -9.16 -11.45
C GLY B 401 0.17 -10.00 -12.27
N LEU B 402 -0.73 -10.75 -11.64
CA LEU B 402 -1.66 -11.64 -12.33
C LEU B 402 -3.11 -11.24 -12.04
N ASP B 403 -4.00 -11.77 -12.85
CA ASP B 403 -5.44 -11.61 -12.65
C ASP B 403 -6.03 -12.76 -11.84
N SER B 404 -5.46 -13.95 -11.97
CA SER B 404 -5.86 -15.09 -11.14
C SER B 404 -4.70 -16.07 -11.13
N PHE B 405 -4.82 -17.08 -10.27
CA PHE B 405 -3.83 -18.14 -10.23
C PHE B 405 -4.40 -19.35 -10.93
N LYS B 406 -3.57 -19.99 -11.75
CA LYS B 406 -3.88 -21.34 -12.24
C LYS B 406 -3.53 -22.36 -11.17
N VAL B 407 -4.39 -23.36 -11.01
CA VAL B 407 -4.17 -24.41 -10.01
C VAL B 407 -3.16 -25.42 -10.55
N LYS B 408 -2.12 -25.68 -9.76
CA LYS B 408 -1.13 -26.70 -10.12
C LYS B 408 -1.78 -28.08 -10.14
N GLN B 409 -1.62 -28.80 -11.26
CA GLN B 409 -2.36 -30.05 -11.43
C GLN B 409 -1.84 -31.15 -10.53
N LYS B 410 -0.52 -31.25 -10.38
CA LYS B 410 0.10 -32.11 -9.38
C LYS B 410 0.97 -31.25 -8.47
N PHE B 411 0.79 -31.40 -7.15
CA PHE B 411 1.39 -30.47 -6.18
C PHE B 411 2.92 -30.43 -6.31
N PHE B 412 3.54 -31.58 -6.55
CA PHE B 412 4.99 -31.67 -6.66
C PHE B 412 5.47 -31.78 -8.10
N ALA B 413 4.60 -31.51 -9.07
CA ALA B 413 4.96 -31.58 -10.51
C ALA B 413 6.08 -30.61 -10.85
N PRO B 418 4.11 -22.92 -16.45
CA PRO B 418 4.68 -21.68 -15.95
C PRO B 418 4.55 -21.59 -14.43
N MET B 419 5.67 -21.48 -13.71
CA MET B 419 5.67 -21.54 -12.25
C MET B 419 4.76 -20.50 -11.59
N ALA B 420 3.94 -19.78 -12.38
CA ALA B 420 2.86 -18.96 -11.87
C ALA B 420 1.56 -19.75 -11.64
N THR B 421 1.66 -21.04 -11.32
CA THR B 421 0.51 -21.84 -10.94
C THR B 421 0.61 -22.16 -9.44
N PHE B 422 -0.53 -22.07 -8.77
CA PHE B 422 -0.48 -22.12 -7.31
C PHE B 422 -0.64 -23.54 -6.81
N PRO B 423 0.23 -24.00 -5.91
CA PRO B 423 0.15 -25.38 -5.36
C PRO B 423 -0.92 -25.60 -4.31
N VAL B 424 -2.15 -25.82 -4.75
CA VAL B 424 -3.23 -26.21 -3.83
C VAL B 424 -2.96 -27.62 -3.31
N PRO B 425 -2.92 -27.84 -1.99
CA PRO B 425 -2.45 -29.13 -1.47
C PRO B 425 -3.48 -30.27 -1.46
N TYR B 426 -4.77 -29.99 -1.64
CA TYR B 426 -5.80 -31.02 -1.64
C TYR B 426 -6.56 -30.97 -2.95
N ASP B 427 -7.41 -31.99 -3.15
CA ASP B 427 -8.03 -32.23 -4.45
C ASP B 427 -9.23 -31.33 -4.68
N LEU B 428 -9.41 -30.94 -5.94
CA LEU B 428 -10.58 -30.16 -6.35
C LEU B 428 -11.24 -30.84 -7.54
N PRO B 429 -12.58 -30.85 -7.60
CA PRO B 429 -13.49 -30.28 -6.59
C PRO B 429 -13.54 -31.16 -5.34
N PRO B 430 -13.91 -30.60 -4.20
CA PRO B 430 -14.09 -31.42 -2.99
C PRO B 430 -15.29 -32.34 -3.13
N GLU B 431 -15.18 -33.51 -2.50
CA GLU B 431 -16.21 -34.55 -2.59
C GLU B 431 -17.14 -34.48 -1.38
N LEU B 432 -18.44 -34.40 -1.64
CA LEU B 432 -19.42 -34.32 -0.58
C LEU B 432 -19.39 -35.59 0.27
N TYR B 433 -19.65 -35.44 1.57
CA TYR B 433 -19.88 -36.60 2.42
C TYR B 433 -20.96 -37.48 1.80
N GLY B 434 -20.79 -38.79 1.94
CA GLY B 434 -21.84 -39.72 1.58
C GLY B 434 -22.91 -39.82 2.66
N SER B 435 -23.96 -40.58 2.35
CA SER B 435 -25.08 -40.67 3.27
C SER B 435 -24.72 -41.38 4.57
N LYS B 436 -23.71 -42.26 4.52
CA LYS B 436 -23.25 -42.96 5.72
C LYS B 436 -22.08 -42.26 6.40
N ASP B 437 -21.54 -41.20 5.82
CA ASP B 437 -20.43 -40.47 6.43
C ASP B 437 -20.91 -39.56 7.55
N ARG B 438 -20.04 -39.35 8.53
CA ARG B 438 -20.26 -38.43 9.65
C ARG B 438 -18.98 -37.63 9.90
N PRO B 439 -19.12 -36.40 10.37
CA PRO B 439 -17.92 -35.63 10.74
C PRO B 439 -17.19 -36.33 11.86
N TRP B 440 -15.87 -36.26 11.83
CA TRP B 440 -15.11 -36.75 12.98
C TRP B 440 -15.46 -35.91 14.21
N ILE B 441 -15.84 -36.59 15.29
CA ILE B 441 -16.15 -35.96 16.56
C ILE B 441 -15.25 -36.62 17.60
N TRP B 442 -14.43 -35.82 18.28
CA TRP B 442 -13.28 -36.44 18.94
C TRP B 442 -13.61 -37.04 20.31
N ASN B 443 -14.77 -36.73 20.89
CA ASN B 443 -15.01 -37.14 22.27
C ASN B 443 -16.21 -38.07 22.38
N ILE B 444 -16.45 -38.89 21.37
CA ILE B 444 -17.34 -40.04 21.45
C ILE B 444 -16.52 -41.27 21.06
N PRO B 445 -16.96 -42.46 21.44
CA PRO B 445 -16.20 -43.67 21.10
C PRO B 445 -16.52 -44.18 19.71
N TYR B 446 -15.51 -44.80 19.10
CA TYR B 446 -15.61 -45.51 17.83
C TYR B 446 -15.09 -46.92 18.09
N VAL B 447 -16.01 -47.86 18.28
CA VAL B 447 -15.66 -49.21 18.71
C VAL B 447 -16.20 -50.29 17.79
N LYS B 448 -16.91 -49.94 16.73
CA LYS B 448 -17.44 -50.96 15.82
C LYS B 448 -16.46 -51.34 14.73
N ALA B 449 -15.48 -50.49 14.43
CA ALA B 449 -14.55 -50.72 13.31
C ALA B 449 -13.14 -50.32 13.67
N PRO B 450 -12.19 -51.25 13.65
CA PRO B 450 -10.81 -50.91 14.03
C PRO B 450 -10.19 -49.99 12.99
N ASP B 451 -9.19 -49.24 13.42
CA ASP B 451 -8.50 -48.32 12.53
C ASP B 451 -7.30 -48.99 11.86
N THR B 452 -6.47 -48.17 11.22
CA THR B 452 -5.26 -48.61 10.53
C THR B 452 -4.40 -49.55 11.36
N HIS B 453 -4.25 -49.26 12.65
CA HIS B 453 -3.35 -50.01 13.51
C HIS B 453 -4.08 -51.04 14.35
N GLY B 454 -5.32 -51.35 14.00
CA GLY B 454 -6.08 -52.36 14.70
C GLY B 454 -6.70 -51.92 16.01
N ASN B 455 -6.81 -50.60 16.26
CA ASN B 455 -7.25 -50.09 17.54
C ASN B 455 -8.64 -49.49 17.43
N MET B 456 -9.30 -49.39 18.58
CA MET B 456 -10.55 -48.65 18.69
C MET B 456 -10.25 -47.28 19.31
N TRP B 457 -11.26 -46.43 19.42
CA TRP B 457 -11.09 -45.10 19.99
C TRP B 457 -12.05 -44.91 21.16
N VAL B 458 -11.50 -44.76 22.36
CA VAL B 458 -12.32 -44.59 23.55
C VAL B 458 -11.80 -43.38 24.32
N PRO B 459 -12.41 -42.20 24.16
CA PRO B 459 -11.96 -40.95 24.81
C PRO B 459 -12.33 -40.86 26.29
#